data_4YPA
#
_entry.id   4YPA
#
_cell.length_a   53.682
_cell.length_b   61.773
_cell.length_c   73.233
_cell.angle_alpha   91.570
_cell.angle_beta   93.830
_cell.angle_gamma   90.460
#
_symmetry.space_group_name_H-M   'P 1'
#
loop_
_entity.id
_entity.type
_entity.pdbx_description
1 polymer 'Histone-lysine N-methyltransferase ASH1L'
2 non-polymer 'ZINC ION'
3 non-polymer S-ADENOSYLMETHIONINE
4 water water
#
_entity_poly.entity_id   1
_entity_poly.type   'polypeptide(L)'
_entity_poly.pdbx_seq_one_letter_code
;GAMAGSYKKIRSNVYVDVKPLSGYEATTCNCKKPDDDTRKGCVDDCLNRMIFAECSPNTCPCGEQCCNQRIQRHEWVQCL
ERFRAEEKGWGIRTKEPLKAGQFIIEYLGEVVSEQEFRNRMIEQYHNHSDHYCLNLDSGMVIDSYRMGNEARFINHSCDP
NCEMQKWSVNGVYRIGLYALKDMPAGTELTYDYNFHSFNVEKAQLCKCGFEKCRGIIGGKSQRVNG
;
_entity_poly.pdbx_strand_id   A,B,C,D
#
loop_
_chem_comp.id
_chem_comp.type
_chem_comp.name
_chem_comp.formula
SAM non-polymer S-ADENOSYLMETHIONINE 'C15 H22 N6 O5 S'
ZN non-polymer 'ZINC ION' 'Zn 2'
#
# COMPACT_ATOMS: atom_id res chain seq x y z
N GLY A 1 35.71 -48.78 13.36
CA GLY A 1 35.23 -49.53 14.55
C GLY A 1 35.33 -48.62 15.75
N ALA A 2 35.89 -47.43 15.56
CA ALA A 2 35.97 -46.44 16.64
C ALA A 2 34.61 -45.94 17.11
N MET A 3 34.50 -45.76 18.42
CA MET A 3 33.25 -45.31 19.02
C MET A 3 32.90 -43.91 18.52
N ALA A 4 31.64 -43.55 18.66
CA ALA A 4 31.14 -42.26 18.19
C ALA A 4 31.69 -41.10 19.06
N GLY A 5 31.86 -39.92 18.47
CA GLY A 5 32.40 -38.74 19.15
C GLY A 5 31.46 -38.25 20.25
N SER A 6 31.99 -38.03 21.44
CA SER A 6 31.23 -37.40 22.52
C SER A 6 30.79 -35.96 22.19
N TYR A 7 29.57 -35.61 22.57
CA TYR A 7 29.14 -34.21 22.59
C TYR A 7 28.04 -34.05 23.66
N LYS A 8 27.74 -32.81 24.06
CA LYS A 8 26.60 -32.57 24.95
C LYS A 8 25.37 -32.24 24.12
N LYS A 9 24.31 -33.05 24.22
CA LYS A 9 23.07 -32.81 23.47
C LYS A 9 22.25 -31.59 23.93
N ILE A 10 21.78 -30.82 22.96
CA ILE A 10 21.05 -29.57 23.18
C ILE A 10 19.70 -29.66 22.51
N ARG A 11 18.72 -28.94 23.04
CA ARG A 11 17.42 -28.85 22.40
C ARG A 11 17.27 -27.63 21.50
N SER A 12 18.06 -26.61 21.77
CA SER A 12 18.10 -25.41 20.90
C SER A 12 19.47 -24.72 20.91
N ASN A 13 19.67 -23.77 20.01
CA ASN A 13 20.99 -23.17 19.79
C ASN A 13 21.53 -22.42 21.02
N VAL A 14 22.83 -22.45 21.20
CA VAL A 14 23.44 -21.71 22.29
C VAL A 14 24.14 -20.48 21.70
N TYR A 15 23.72 -19.29 22.17
CA TYR A 15 24.30 -18.03 21.69
C TYR A 15 25.46 -17.58 22.57
N VAL A 16 26.66 -17.78 22.08
CA VAL A 16 27.88 -17.49 22.81
C VAL A 16 28.29 -16.03 22.65
N ASP A 17 28.59 -15.60 21.43
CA ASP A 17 28.92 -14.21 21.15
C ASP A 17 27.71 -13.43 20.70
N VAL A 18 27.17 -13.82 19.55
CA VAL A 18 26.24 -12.94 18.87
C VAL A 18 24.91 -13.62 18.69
N LYS A 19 23.88 -12.84 18.35
CA LYS A 19 22.57 -13.38 18.02
C LYS A 19 22.40 -13.26 16.51
N PRO A 20 21.90 -14.32 15.86
CA PRO A 20 21.73 -14.37 14.42
C PRO A 20 20.43 -13.72 14.01
N LEU A 21 20.25 -12.46 14.41
CA LEU A 21 19.03 -11.73 14.17
C LEU A 21 18.88 -11.47 12.69
N SER A 22 17.69 -11.71 12.15
CA SER A 22 17.43 -11.35 10.77
C SER A 22 16.63 -10.05 10.74
N GLY A 23 16.80 -9.28 9.69
CA GLY A 23 16.07 -8.02 9.62
C GLY A 23 14.70 -8.25 9.03
N TYR A 24 13.87 -9.04 9.72
CA TYR A 24 12.53 -9.30 9.22
C TYR A 24 11.38 -8.92 10.16
N GLU A 25 10.27 -8.61 9.47
CA GLU A 25 8.94 -8.33 10.01
C GLU A 25 8.07 -9.51 9.58
N ALA A 26 8.45 -10.74 10.04
CA ALA A 26 7.72 -11.91 9.56
C ALA A 26 6.21 -11.53 9.43
N THR A 27 5.44 -12.06 8.27
CA THR A 27 4.11 -12.62 8.57
C THR A 27 2.81 -12.01 8.03
N THR A 28 2.77 -11.49 6.81
CA THR A 28 1.41 -10.90 6.39
C THR A 28 1.25 -11.51 5.02
N CYS A 29 1.26 -12.84 5.02
CA CYS A 29 1.09 -13.53 3.76
C CYS A 29 -0.36 -13.36 3.40
N ASN A 30 -0.66 -13.58 2.14
CA ASN A 30 -2.01 -13.44 1.62
C ASN A 30 -2.67 -14.82 1.49
N CYS A 31 -2.30 -15.73 2.39
CA CYS A 31 -2.82 -17.10 2.37
C CYS A 31 -4.32 -17.09 2.69
N LYS A 32 -5.06 -18.03 2.10
CA LYS A 32 -6.47 -18.25 2.45
C LYS A 32 -6.55 -19.51 3.31
N LYS A 33 -7.27 -19.40 4.42
CA LYS A 33 -7.53 -20.55 5.29
C LYS A 33 -8.49 -21.56 4.62
N PRO A 34 -8.08 -22.84 4.56
CA PRO A 34 -8.98 -23.90 4.11
C PRO A 34 -9.94 -24.34 5.22
N ASP A 35 -10.79 -25.33 4.94
CA ASP A 35 -11.91 -25.67 5.84
C ASP A 35 -11.72 -26.94 6.66
N ASP A 36 -11.11 -27.97 6.07
CA ASP A 36 -10.92 -29.24 6.77
C ASP A 36 -9.64 -29.27 7.60
N ASP A 37 -9.77 -29.74 8.85
CA ASP A 37 -8.64 -29.92 9.78
C ASP A 37 -7.42 -30.58 9.11
N THR A 38 -7.63 -31.17 7.92
CA THR A 38 -6.58 -31.95 7.23
C THR A 38 -6.18 -31.42 5.83
N ARG A 39 -6.74 -30.26 5.45
CA ARG A 39 -6.25 -29.47 4.31
C ARG A 39 -5.35 -28.38 4.91
N LYS A 40 -4.04 -28.57 4.80
CA LYS A 40 -3.09 -27.66 5.46
C LYS A 40 -3.13 -26.27 4.87
N GLY A 41 -2.70 -25.30 5.67
CA GLY A 41 -2.74 -23.92 5.24
C GLY A 41 -1.35 -23.39 4.96
N CYS A 42 -1.27 -22.28 4.18
CA CYS A 42 0.00 -21.72 3.60
C CYS A 42 0.94 -22.55 2.64
N VAL A 43 0.54 -23.32 1.49
CA VAL A 43 1.37 -24.32 0.80
C VAL A 43 2.52 -23.48 0.16
N ASP A 44 3.20 -23.95 -0.89
CA ASP A 44 4.39 -23.20 -1.39
C ASP A 44 4.08 -21.81 -1.90
N ASP A 45 2.83 -21.64 -2.28
CA ASP A 45 2.25 -20.37 -2.67
C ASP A 45 2.47 -19.30 -1.60
N CYS A 46 2.58 -19.73 -0.34
CA CYS A 46 2.70 -18.82 0.80
C CYS A 46 3.81 -17.78 0.63
N LEU A 47 3.52 -16.53 1.00
CA LEU A 47 4.48 -15.46 0.78
C LEU A 47 5.62 -15.48 1.80
N ASN A 48 5.37 -15.96 3.02
CA ASN A 48 6.44 -16.13 3.99
C ASN A 48 7.34 -17.28 3.58
N ARG A 49 6.73 -18.34 3.07
CA ARG A 49 7.47 -19.53 2.70
C ARG A 49 8.44 -19.22 1.56
N MET A 50 8.00 -18.35 0.65
CA MET A 50 8.74 -17.90 -0.55
C MET A 50 10.08 -17.29 -0.28
N ILE A 51 10.18 -16.57 0.84
CA ILE A 51 11.41 -15.95 1.28
C ILE A 51 12.03 -16.70 2.47
N PHE A 52 11.73 -18.00 2.58
CA PHE A 52 12.20 -18.84 3.70
C PHE A 52 12.02 -18.15 5.03
N ALA A 53 10.79 -17.72 5.29
CA ALA A 53 10.43 -17.18 6.59
C ALA A 53 9.33 -18.08 7.10
N GLU A 54 9.34 -18.40 8.38
CA GLU A 54 8.21 -19.13 8.91
C GLU A 54 7.13 -18.15 9.35
N CYS A 55 5.87 -18.57 9.24
CA CYS A 55 4.75 -17.78 9.76
C CYS A 55 4.86 -17.71 11.27
N SER A 56 4.26 -16.68 11.88
CA SER A 56 4.08 -16.67 13.35
C SER A 56 2.74 -17.25 13.65
N PRO A 57 2.62 -17.99 14.75
CA PRO A 57 1.33 -18.65 14.96
C PRO A 57 0.26 -17.65 15.49
N ASN A 58 0.73 -16.58 16.14
CA ASN A 58 -0.14 -15.47 16.56
C ASN A 58 -0.74 -14.62 15.45
N THR A 59 -0.03 -14.45 14.34
CA THR A 59 -0.57 -13.59 13.29
C THR A 59 -0.94 -14.27 11.98
N CYS A 60 -0.57 -15.54 11.81
CA CYS A 60 -0.91 -16.25 10.57
C CYS A 60 -2.42 -16.44 10.38
N PRO A 61 -2.96 -16.05 9.21
CA PRO A 61 -4.41 -16.17 8.98
C PRO A 61 -4.92 -17.61 8.98
N CYS A 62 -4.01 -18.59 9.05
CA CYS A 62 -4.38 -20.01 8.94
C CYS A 62 -4.33 -20.65 10.34
N GLY A 63 -3.74 -19.92 11.28
CA GLY A 63 -3.77 -20.33 12.69
C GLY A 63 -3.05 -21.64 12.94
N GLU A 64 -3.78 -22.59 13.55
CA GLU A 64 -3.21 -23.87 13.98
C GLU A 64 -3.28 -24.86 12.84
N GLN A 65 -3.72 -24.38 11.69
CA GLN A 65 -3.80 -25.19 10.49
C GLN A 65 -2.58 -25.00 9.55
N CYS A 66 -1.90 -23.85 9.65
CA CYS A 66 -0.67 -23.57 8.88
C CYS A 66 0.45 -24.62 9.06
N CYS A 67 0.91 -25.18 7.94
CA CYS A 67 2.06 -26.11 7.90
C CYS A 67 3.42 -25.43 7.63
N ASN A 68 3.56 -24.15 7.98
CA ASN A 68 4.82 -23.43 7.71
C ASN A 68 5.46 -22.94 8.98
N GLN A 69 5.39 -23.76 10.03
CA GLN A 69 6.07 -23.46 11.31
C GLN A 69 6.87 -24.70 11.79
N ARG A 70 7.50 -25.39 10.86
CA ARG A 70 8.18 -26.67 11.08
C ARG A 70 9.36 -26.57 12.02
N ILE A 71 10.20 -25.54 11.85
CA ILE A 71 11.37 -25.42 12.73
C ILE A 71 11.01 -25.02 14.15
N GLN A 72 10.21 -23.97 14.30
CA GLN A 72 9.83 -23.47 15.62
C GLN A 72 9.03 -24.49 16.40
N ARG A 73 8.20 -25.27 15.71
CA ARG A 73 7.46 -26.37 16.36
C ARG A 73 8.29 -27.66 16.51
N HIS A 74 9.51 -27.66 15.97
CA HIS A 74 10.41 -28.84 16.04
C HIS A 74 9.80 -30.07 15.39
N GLU A 75 9.21 -29.91 14.21
CA GLU A 75 8.59 -31.02 13.52
C GLU A 75 9.63 -31.93 12.85
N TRP A 76 10.57 -32.44 13.64
CA TRP A 76 11.60 -33.33 13.10
C TRP A 76 11.04 -34.72 12.78
N VAL A 77 11.65 -35.39 11.80
CA VAL A 77 11.27 -36.78 11.55
C VAL A 77 11.77 -37.63 12.71
N GLN A 78 10.95 -38.61 13.06
CA GLN A 78 11.21 -39.40 14.22
C GLN A 78 11.78 -40.75 13.81
N CYS A 79 12.52 -40.78 12.70
CA CYS A 79 12.95 -42.06 12.19
C CYS A 79 14.41 -42.03 11.79
N LEU A 80 15.24 -41.32 12.56
CA LEU A 80 16.67 -41.28 12.26
C LEU A 80 17.49 -42.26 13.12
N GLU A 81 18.58 -42.76 12.53
CA GLU A 81 19.42 -43.71 13.21
C GLU A 81 20.83 -43.36 12.84
N ARG A 82 21.69 -43.37 13.85
CA ARG A 82 23.10 -43.16 13.66
C ARG A 82 23.68 -44.54 13.42
N PHE A 83 24.63 -44.64 12.51
CA PHE A 83 25.08 -45.94 12.01
C PHE A 83 26.48 -45.81 11.43
N ARG A 84 27.18 -46.94 11.39
CA ARG A 84 28.56 -47.06 10.90
C ARG A 84 28.54 -47.03 9.36
N ALA A 85 29.02 -45.93 8.78
CA ALA A 85 29.00 -45.75 7.33
C ALA A 85 30.39 -46.05 6.85
N GLU A 86 30.53 -46.98 5.90
CA GLU A 86 31.84 -47.45 5.45
C GLU A 86 32.74 -46.34 4.99
N GLU A 87 33.89 -46.25 5.64
CA GLU A 87 34.96 -45.32 5.22
C GLU A 87 34.67 -43.89 5.63
N LYS A 88 33.51 -43.68 6.24
CA LYS A 88 33.10 -42.33 6.64
C LYS A 88 32.71 -42.23 8.12
N GLY A 89 33.33 -43.03 8.99
CA GLY A 89 32.93 -43.11 10.42
C GLY A 89 31.44 -43.38 10.61
N TRP A 90 30.81 -42.50 11.38
CA TRP A 90 29.40 -42.60 11.72
C TRP A 90 28.62 -41.65 10.82
N GLY A 91 27.41 -42.04 10.44
CA GLY A 91 26.54 -41.22 9.63
C GLY A 91 25.11 -41.32 10.16
N ILE A 92 24.17 -40.67 9.47
CA ILE A 92 22.78 -40.74 9.87
C ILE A 92 21.97 -41.24 8.66
N ARG A 93 21.06 -42.19 8.90
CA ARG A 93 20.18 -42.66 7.85
C ARG A 93 18.73 -42.60 8.27
N THR A 94 17.84 -42.39 7.31
CA THR A 94 16.42 -42.47 7.65
C THR A 94 15.90 -43.95 7.61
N LYS A 95 14.92 -44.28 8.46
CA LYS A 95 14.37 -45.65 8.48
C LYS A 95 13.04 -45.74 7.82
N GLU A 96 12.55 -44.61 7.35
CA GLU A 96 11.30 -44.57 6.63
C GLU A 96 11.51 -43.71 5.41
N PRO A 97 10.66 -43.89 4.38
CA PRO A 97 10.90 -43.09 3.16
C PRO A 97 10.61 -41.61 3.44
N LEU A 98 11.35 -40.74 2.77
CA LEU A 98 11.13 -39.33 2.88
C LEU A 98 10.80 -38.78 1.52
N LYS A 99 10.19 -37.60 1.48
CA LYS A 99 9.82 -36.99 0.22
C LYS A 99 10.50 -35.66 -0.02
N ALA A 100 10.63 -35.33 -1.31
CA ALA A 100 11.34 -34.12 -1.70
C ALA A 100 10.71 -32.94 -0.98
N GLY A 101 11.53 -32.06 -0.41
CA GLY A 101 11.05 -30.87 0.30
C GLY A 101 10.73 -31.07 1.77
N GLN A 102 10.73 -32.32 2.21
CA GLN A 102 10.34 -32.65 3.56
C GLN A 102 11.43 -32.20 4.50
N PHE A 103 11.02 -31.47 5.54
CA PHE A 103 11.88 -31.02 6.58
C PHE A 103 12.27 -32.20 7.45
N ILE A 104 13.54 -32.29 7.82
CA ILE A 104 14.01 -33.49 8.48
C ILE A 104 14.47 -33.24 9.89
N ILE A 105 15.37 -32.28 10.06
CA ILE A 105 15.92 -31.97 11.37
C ILE A 105 16.64 -30.61 11.33
N GLU A 106 16.66 -29.94 12.46
CA GLU A 106 17.42 -28.72 12.64
C GLU A 106 18.85 -29.04 13.02
N TYR A 107 19.78 -28.26 12.49
CA TYR A 107 21.17 -28.30 12.87
C TYR A 107 21.42 -27.40 14.11
N LEU A 108 21.81 -28.03 15.23
CA LEU A 108 21.99 -27.28 16.47
C LEU A 108 23.46 -27.11 16.88
N GLY A 109 23.69 -26.12 17.74
CA GLY A 109 25.04 -25.98 18.23
C GLY A 109 25.26 -24.69 18.98
N GLU A 110 26.53 -24.36 19.15
CA GLU A 110 26.92 -23.08 19.69
C GLU A 110 27.03 -22.09 18.56
N VAL A 111 26.22 -21.05 18.60
CA VAL A 111 26.33 -19.95 17.64
C VAL A 111 27.45 -18.99 18.06
N VAL A 112 28.49 -18.91 17.24
CA VAL A 112 29.65 -18.09 17.54
C VAL A 112 29.99 -17.17 16.36
N SER A 113 30.71 -16.08 16.69
CA SER A 113 31.18 -15.16 15.67
C SER A 113 32.30 -15.86 14.93
N GLU A 114 32.57 -15.42 13.69
CA GLU A 114 33.65 -15.96 12.85
C GLU A 114 34.96 -16.07 13.59
N GLN A 115 35.31 -15.04 14.36
CA GLN A 115 36.64 -14.96 14.99
C GLN A 115 36.74 -15.91 16.17
N GLU A 116 35.63 -16.08 16.88
CA GLU A 116 35.60 -16.96 18.05
C GLU A 116 35.87 -18.39 17.61
N PHE A 117 35.32 -18.76 16.45
CA PHE A 117 35.57 -20.08 15.89
C PHE A 117 37.02 -20.31 15.48
N ARG A 118 37.62 -19.27 14.90
CA ARG A 118 39.01 -19.31 14.46
C ARG A 118 39.97 -19.55 15.62
N ASN A 119 39.66 -18.91 16.76
CA ASN A 119 40.44 -19.08 17.97
C ASN A 119 40.31 -20.52 18.41
N ARG A 120 39.06 -20.96 18.52
CA ARG A 120 38.75 -22.35 18.84
C ARG A 120 39.49 -23.32 17.92
N MET A 121 39.56 -23.01 16.62
CA MET A 121 40.30 -23.86 15.68
C MET A 121 41.76 -24.08 16.04
N ILE A 122 42.38 -23.09 16.68
CA ILE A 122 43.81 -23.15 17.01
C ILE A 122 44.04 -23.69 18.44
N GLU A 123 43.22 -23.28 19.40
CA GLU A 123 43.41 -23.72 20.78
C GLU A 123 42.90 -25.14 21.09
N GLN A 124 41.89 -25.62 20.36
CA GLN A 124 41.22 -26.87 20.73
C GLN A 124 40.96 -27.86 19.61
N TYR A 125 40.73 -27.36 18.39
CA TYR A 125 40.37 -28.25 17.26
C TYR A 125 41.52 -28.67 16.31
N HIS A 126 42.74 -28.25 16.62
CA HIS A 126 43.94 -28.57 15.79
C HIS A 126 44.24 -30.08 15.62
N ASN A 127 43.97 -30.88 16.66
CA ASN A 127 44.12 -32.34 16.53
C ASN A 127 42.84 -33.07 16.18
N HIS A 128 41.96 -32.52 15.35
CA HIS A 128 40.69 -33.22 15.09
C HIS A 128 40.65 -33.91 13.72
N SER A 129 40.13 -35.13 13.71
CA SER A 129 39.97 -35.88 12.46
C SER A 129 38.56 -35.77 11.89
N ASP A 130 37.68 -35.07 12.60
CA ASP A 130 36.32 -34.77 12.14
C ASP A 130 35.99 -33.31 12.42
N HIS A 131 35.19 -32.69 11.55
CA HIS A 131 34.90 -31.26 11.65
C HIS A 131 33.42 -30.95 11.68
N TYR A 132 33.00 -30.17 12.70
CA TYR A 132 31.56 -29.98 12.98
C TYR A 132 31.10 -28.51 13.02
N CYS A 133 30.87 -27.93 11.84
CA CYS A 133 30.65 -26.49 11.71
C CYS A 133 29.90 -26.07 10.43
N LEU A 134 28.83 -25.29 10.58
CA LEU A 134 28.10 -24.71 9.43
C LEU A 134 28.16 -23.22 9.47
N ASN A 135 28.30 -22.61 8.30
CA ASN A 135 28.12 -21.16 8.17
C ASN A 135 26.69 -20.81 8.45
N LEU A 136 26.47 -19.72 9.18
CA LEU A 136 25.11 -19.34 9.45
C LEU A 136 24.78 -18.06 8.70
N ASP A 137 25.43 -16.99 9.10
CA ASP A 137 25.09 -15.68 8.57
C ASP A 137 26.16 -14.73 8.97
N SER A 138 26.30 -13.68 8.16
CA SER A 138 27.21 -12.55 8.37
C SER A 138 28.32 -12.82 9.35
N GLY A 139 29.24 -13.71 9.00
CA GLY A 139 30.38 -14.00 9.86
C GLY A 139 30.08 -14.84 11.10
N MET A 140 28.86 -15.34 11.21
CA MET A 140 28.49 -16.17 12.35
C MET A 140 28.46 -17.64 11.94
N VAL A 141 28.62 -18.52 12.90
CA VAL A 141 28.85 -19.92 12.61
C VAL A 141 28.25 -20.82 13.70
N ILE A 142 27.61 -21.92 13.30
CA ILE A 142 27.12 -22.92 14.24
C ILE A 142 28.17 -24.03 14.44
N ASP A 143 28.77 -24.03 15.62
CA ASP A 143 29.81 -24.98 16.01
C ASP A 143 29.17 -26.13 16.79
N SER A 144 29.35 -27.36 16.31
CA SER A 144 28.81 -28.53 17.00
C SER A 144 29.90 -29.48 17.48
N TYR A 145 31.14 -29.03 17.55
CA TYR A 145 32.22 -29.85 18.08
C TYR A 145 31.94 -30.26 19.53
N ARG A 146 31.20 -29.44 20.26
CA ARG A 146 31.01 -29.70 21.69
C ARG A 146 29.59 -29.92 22.10
N MET A 147 28.69 -29.09 21.59
CA MET A 147 27.29 -29.14 21.93
C MET A 147 26.55 -29.25 20.63
N GLY A 148 25.49 -30.03 20.56
CA GLY A 148 24.83 -30.23 19.30
C GLY A 148 23.67 -31.19 19.33
N ASN A 149 23.33 -31.73 18.17
CA ASN A 149 22.38 -32.82 18.12
C ASN A 149 22.85 -33.80 17.05
N GLU A 150 22.00 -34.76 16.73
CA GLU A 150 22.37 -35.87 15.88
C GLU A 150 22.65 -35.45 14.43
N ALA A 151 22.34 -34.18 14.09
CA ALA A 151 22.59 -33.66 12.74
C ALA A 151 24.09 -33.43 12.52
N ARG A 152 24.84 -33.38 13.61
CA ARG A 152 26.29 -33.29 13.52
C ARG A 152 26.94 -34.54 12.92
N PHE A 153 26.21 -35.67 12.88
CA PHE A 153 26.80 -36.90 12.33
C PHE A 153 26.49 -37.07 10.84
N ILE A 154 25.82 -36.09 10.25
CA ILE A 154 25.42 -36.24 8.86
C ILE A 154 26.64 -36.01 7.94
N ASN A 155 26.92 -36.96 7.04
CA ASN A 155 28.11 -36.89 6.19
C ASN A 155 27.95 -36.01 4.93
N HIS A 156 29.07 -35.75 4.28
CA HIS A 156 29.11 -35.05 3.01
C HIS A 156 28.90 -36.02 1.84
N SER A 157 28.25 -35.54 0.78
CA SER A 157 28.27 -36.16 -0.55
C SER A 157 28.37 -35.13 -1.70
N CYS A 158 29.15 -35.46 -2.72
CA CYS A 158 29.31 -34.62 -3.90
C CYS A 158 28.04 -34.62 -4.74
N ASP A 159 27.18 -35.61 -4.49
CA ASP A 159 25.86 -35.71 -5.12
C ASP A 159 24.81 -36.00 -4.02
N PRO A 160 24.38 -34.93 -3.32
CA PRO A 160 23.60 -35.07 -2.10
C PRO A 160 22.09 -35.31 -2.30
N ASN A 161 21.48 -36.04 -1.36
CA ASN A 161 20.04 -36.13 -1.34
C ASN A 161 19.33 -35.12 -0.42
N CYS A 162 20.08 -34.25 0.26
CA CYS A 162 19.53 -33.27 1.23
C CYS A 162 20.29 -31.94 1.16
N GLU A 163 19.68 -30.87 1.67
CA GLU A 163 20.37 -29.58 1.79
C GLU A 163 20.03 -28.80 3.07
N MET A 164 20.96 -27.98 3.52
CA MET A 164 20.75 -27.08 4.66
C MET A 164 20.10 -25.80 4.17
N GLN A 165 19.02 -25.37 4.81
CA GLN A 165 18.35 -24.13 4.43
C GLN A 165 18.30 -23.18 5.63
N LYS A 166 18.61 -21.90 5.37
CA LYS A 166 18.61 -20.88 6.39
C LYS A 166 17.24 -20.21 6.40
N TRP A 167 16.56 -20.24 7.54
CA TRP A 167 15.18 -19.72 7.65
C TRP A 167 15.13 -18.68 8.73
N SER A 168 14.33 -17.64 8.54
CA SER A 168 14.12 -16.71 9.65
C SER A 168 12.93 -17.19 10.44
N VAL A 169 13.15 -17.43 11.71
CA VAL A 169 12.13 -18.01 12.55
C VAL A 169 11.88 -17.04 13.70
N ASN A 170 10.73 -16.38 13.67
CA ASN A 170 10.41 -15.28 14.58
C ASN A 170 11.65 -14.41 14.86
N GLY A 171 12.29 -13.94 13.78
CA GLY A 171 13.39 -12.95 13.85
C GLY A 171 14.81 -13.47 13.86
N VAL A 172 14.97 -14.78 14.10
CA VAL A 172 16.30 -15.40 14.24
C VAL A 172 16.48 -16.39 13.06
N TYR A 173 17.63 -16.35 12.43
CA TYR A 173 17.99 -17.35 11.43
C TYR A 173 18.29 -18.67 12.10
N ARG A 174 17.60 -19.72 11.67
CA ARG A 174 17.97 -21.05 12.07
C ARG A 174 18.24 -21.93 10.80
N ILE A 175 19.02 -23.01 10.95
CA ILE A 175 19.32 -23.87 9.82
C ILE A 175 18.72 -25.23 10.00
N GLY A 176 17.90 -25.61 9.01
CA GLY A 176 17.29 -26.95 8.99
C GLY A 176 17.72 -27.78 7.79
N LEU A 177 17.66 -29.11 7.93
CA LEU A 177 18.00 -30.05 6.87
C LEU A 177 16.73 -30.41 6.16
N TYR A 178 16.71 -30.28 4.84
CA TYR A 178 15.51 -30.62 4.07
C TYR A 178 15.91 -31.56 2.95
N ALA A 179 15.01 -32.47 2.60
CA ALA A 179 15.17 -33.40 1.49
C ALA A 179 15.17 -32.68 0.14
N LEU A 180 16.06 -33.13 -0.73
CA LEU A 180 16.19 -32.63 -2.10
C LEU A 180 15.46 -33.52 -3.08
N LYS A 181 15.16 -34.74 -2.67
CA LYS A 181 14.53 -35.71 -3.55
C LYS A 181 13.91 -36.82 -2.71
N ASP A 182 13.00 -37.61 -3.30
CA ASP A 182 12.48 -38.84 -2.66
C ASP A 182 13.62 -39.76 -2.29
N MET A 183 13.52 -40.38 -1.13
CA MET A 183 14.54 -41.28 -0.64
C MET A 183 13.81 -42.42 0.05
N PRO A 184 14.20 -43.66 -0.26
CA PRO A 184 13.54 -44.82 0.36
C PRO A 184 14.15 -45.12 1.72
N ALA A 185 13.62 -46.13 2.37
CA ALA A 185 14.02 -46.54 3.71
C ALA A 185 15.45 -47.08 3.78
N GLY A 186 16.17 -46.71 4.83
CA GLY A 186 17.57 -47.15 5.00
C GLY A 186 18.59 -46.22 4.41
N THR A 187 18.15 -45.19 3.71
CA THR A 187 19.05 -44.26 2.99
C THR A 187 19.86 -43.31 3.88
N GLU A 188 21.17 -43.21 3.60
CA GLU A 188 22.07 -42.30 4.32
C GLU A 188 21.87 -40.83 3.90
N LEU A 189 21.56 -39.95 4.86
CA LEU A 189 21.34 -38.52 4.60
C LEU A 189 22.63 -37.83 4.31
N THR A 190 22.66 -37.02 3.28
CA THR A 190 23.89 -36.35 2.89
C THR A 190 23.56 -34.93 2.43
N TYR A 191 24.49 -34.02 2.69
CA TYR A 191 24.47 -32.69 2.09
C TYR A 191 25.88 -32.26 1.66
N ASP A 192 25.99 -31.22 0.84
CA ASP A 192 27.27 -30.79 0.28
C ASP A 192 27.94 -29.87 1.27
N TYR A 193 29.06 -30.27 1.86
CA TYR A 193 29.73 -29.40 2.84
C TYR A 193 30.23 -28.09 2.22
N ASN A 194 30.74 -28.15 0.99
CA ASN A 194 31.29 -26.97 0.30
C ASN A 194 30.38 -25.76 0.47
N PHE A 195 29.10 -25.97 0.22
CA PHE A 195 28.12 -24.87 0.27
C PHE A 195 27.68 -24.41 1.61
N HIS A 196 27.67 -25.34 2.56
CA HIS A 196 26.90 -25.16 3.77
C HIS A 196 27.82 -25.12 4.98
N SER A 197 28.86 -25.94 4.95
CA SER A 197 29.76 -26.03 6.09
C SER A 197 30.93 -25.06 5.97
N PHE A 198 31.59 -24.80 7.11
CA PHE A 198 32.75 -23.89 7.17
C PHE A 198 34.06 -24.57 6.78
N ASN A 199 34.83 -23.91 5.90
CA ASN A 199 36.09 -24.46 5.38
C ASN A 199 37.23 -24.54 6.40
N VAL A 200 37.92 -25.69 6.38
CA VAL A 200 39.11 -25.95 7.17
C VAL A 200 40.24 -26.04 6.17
N GLU A 201 41.45 -25.62 6.55
CA GLU A 201 42.57 -25.64 5.62
C GLU A 201 42.99 -27.11 5.32
N LYS A 202 42.57 -28.03 6.18
CA LYS A 202 43.02 -29.44 6.11
C LYS A 202 42.09 -30.38 5.30
N ALA A 203 42.63 -30.91 4.21
CA ALA A 203 41.86 -31.69 3.24
C ALA A 203 41.67 -33.12 3.69
N GLN A 204 40.53 -33.69 3.32
CA GLN A 204 40.23 -35.08 3.60
C GLN A 204 39.76 -35.76 2.34
N LEU A 205 40.10 -37.02 2.17
CA LEU A 205 39.60 -37.78 1.04
C LEU A 205 38.09 -38.01 1.12
N CYS A 206 37.37 -37.67 0.06
CA CYS A 206 35.94 -37.90 -0.03
C CYS A 206 35.63 -39.31 -0.47
N LYS A 207 34.60 -39.90 0.13
CA LYS A 207 34.27 -41.29 -0.14
C LYS A 207 32.83 -41.46 -0.56
N CYS A 208 32.24 -40.38 -1.04
CA CYS A 208 30.80 -40.32 -1.33
C CYS A 208 30.48 -41.27 -2.46
N GLY A 209 31.41 -41.41 -3.41
CA GLY A 209 31.33 -42.46 -4.42
C GLY A 209 30.48 -42.08 -5.62
N PHE A 210 30.22 -40.79 -5.75
CA PHE A 210 29.57 -40.22 -6.94
C PHE A 210 30.51 -40.33 -8.15
N GLU A 211 29.94 -40.49 -9.35
CA GLU A 211 30.77 -40.51 -10.58
C GLU A 211 31.56 -39.23 -10.82
N LYS A 212 31.03 -38.08 -10.42
CA LYS A 212 31.78 -36.83 -10.50
C LYS A 212 32.17 -36.31 -9.11
N CYS A 213 32.54 -37.23 -8.22
CA CYS A 213 33.02 -36.86 -6.89
C CYS A 213 34.23 -35.94 -7.03
N ARG A 214 34.23 -34.84 -6.28
CA ARG A 214 35.33 -33.87 -6.31
C ARG A 214 36.65 -34.48 -5.80
N GLY A 215 36.55 -35.62 -5.14
CA GLY A 215 37.71 -36.29 -4.55
C GLY A 215 38.13 -35.71 -3.20
N ILE A 216 37.66 -34.51 -2.90
CA ILE A 216 38.10 -33.82 -1.71
C ILE A 216 36.89 -33.34 -0.92
N ILE A 217 37.03 -33.33 0.41
CA ILE A 217 36.02 -32.73 1.27
C ILE A 217 36.43 -31.29 1.57
N GLY A 218 35.64 -30.35 1.07
CA GLY A 218 35.90 -28.92 1.30
C GLY A 218 36.08 -28.20 -0.02
N TYR B 7 22.60 -15.53 -0.10
CA TYR B 7 21.90 -14.24 -0.34
C TYR B 7 20.66 -14.15 0.53
N LYS B 8 20.23 -12.92 0.82
CA LYS B 8 18.97 -12.67 1.52
C LYS B 8 17.77 -12.68 0.54
N LYS B 9 16.77 -13.50 0.83
CA LYS B 9 15.58 -13.64 -0.01
C LYS B 9 14.55 -12.60 0.36
N ILE B 10 14.11 -11.87 -0.65
CA ILE B 10 13.12 -10.80 -0.52
C ILE B 10 11.91 -11.08 -1.40
N ARG B 11 10.85 -10.32 -1.18
CA ARG B 11 9.58 -10.52 -1.84
C ARG B 11 9.40 -9.62 -3.03
N SER B 12 9.99 -8.44 -2.93
CA SER B 12 9.79 -7.38 -3.89
C SER B 12 11.04 -6.54 -3.88
N ASN B 13 11.19 -5.71 -4.89
CA ASN B 13 12.39 -4.92 -5.07
C ASN B 13 12.61 -4.01 -3.86
N VAL B 14 13.85 -3.90 -3.45
CA VAL B 14 14.25 -2.96 -2.42
C VAL B 14 14.85 -1.72 -3.12
N TYR B 15 14.30 -0.54 -2.84
CA TYR B 15 14.83 0.70 -3.44
C TYR B 15 15.80 1.37 -2.49
N VAL B 16 17.04 1.51 -2.94
CA VAL B 16 18.05 2.09 -2.05
C VAL B 16 17.98 3.62 -2.14
N ASP B 17 18.33 4.16 -3.30
CA ASP B 17 18.15 5.58 -3.59
C ASP B 17 17.09 5.76 -4.68
N VAL B 18 17.18 4.97 -5.76
CA VAL B 18 16.29 5.20 -6.93
C VAL B 18 14.99 4.38 -6.97
N LYS B 19 14.14 4.71 -7.95
CA LYS B 19 12.85 4.04 -8.15
C LYS B 19 12.45 4.16 -9.63
N PRO B 20 12.15 3.03 -10.29
CA PRO B 20 11.81 3.09 -11.72
C PRO B 20 10.34 3.45 -11.91
N LEU B 21 10.07 4.74 -11.98
CA LEU B 21 8.70 5.25 -12.04
C LEU B 21 8.10 5.06 -13.43
N SER B 22 6.83 4.72 -13.52
CA SER B 22 6.20 4.47 -14.82
C SER B 22 5.03 5.42 -15.12
N GLY B 23 4.81 6.34 -14.19
CA GLY B 23 3.73 7.30 -14.32
C GLY B 23 2.36 6.70 -14.06
N TYR B 24 1.39 7.22 -14.79
CA TYR B 24 -0.02 7.00 -14.57
C TYR B 24 -0.50 5.53 -14.57
N GLU B 25 -1.42 5.23 -13.68
CA GLU B 25 -1.98 3.89 -13.44
C GLU B 25 -2.72 3.32 -14.64
N ALA B 26 -3.01 2.02 -14.60
CA ALA B 26 -3.86 1.42 -15.62
C ALA B 26 -5.26 2.05 -15.60
N THR B 27 -5.88 2.08 -16.77
CA THR B 27 -7.02 2.94 -17.02
C THR B 27 -8.39 2.27 -16.93
N THR B 28 -8.41 0.94 -16.89
CA THR B 28 -9.65 0.17 -17.03
C THR B 28 -9.70 -0.51 -18.39
N CYS B 29 -9.54 -1.85 -18.07
CA CYS B 29 -9.61 -2.61 -19.34
C CYS B 29 -10.92 -2.23 -20.03
N ASN B 30 -11.18 -2.89 -21.37
CA ASN B 30 -12.48 -2.89 -22.01
C ASN B 30 -13.03 -4.31 -22.06
N CYS B 31 -12.65 -5.27 -20.93
CA CYS B 31 -12.90 -6.67 -20.99
C CYS B 31 -14.27 -6.99 -20.50
N LYS B 32 -14.49 -8.27 -20.98
CA LYS B 32 -15.80 -8.57 -20.45
C LYS B 32 -15.68 -9.68 -19.44
N LYS B 33 -15.99 -9.34 -18.19
CA LYS B 33 -16.04 -10.33 -17.12
C LYS B 33 -16.41 -11.67 -17.75
N PRO B 34 -15.51 -12.65 -17.64
CA PRO B 34 -15.81 -13.94 -18.22
C PRO B 34 -16.95 -14.55 -17.41
N ASP B 35 -17.95 -15.09 -18.13
CA ASP B 35 -19.13 -15.63 -17.45
C ASP B 35 -18.71 -16.77 -16.52
N ASP B 36 -18.09 -17.81 -17.10
CA ASP B 36 -17.53 -18.92 -16.33
C ASP B 36 -16.44 -18.42 -15.36
N ASP B 37 -16.51 -18.90 -14.11
CA ASP B 37 -15.66 -18.42 -13.00
C ASP B 37 -14.19 -18.82 -13.12
N THR B 38 -13.94 -20.01 -13.66
CA THR B 38 -12.57 -20.45 -13.98
C THR B 38 -11.98 -19.72 -15.20
N ARG B 39 -12.85 -19.45 -16.18
CA ARG B 39 -12.47 -18.73 -17.42
C ARG B 39 -11.55 -17.53 -17.17
N LYS B 40 -10.68 -17.29 -18.14
CA LYS B 40 -9.64 -16.28 -18.06
C LYS B 40 -10.14 -14.90 -18.44
N GLY B 41 -9.91 -13.93 -17.57
CA GLY B 41 -10.21 -12.53 -17.87
C GLY B 41 -8.97 -11.73 -18.23
N CYS B 42 -9.15 -10.72 -19.08
CA CYS B 42 -8.03 -9.90 -19.55
C CYS B 42 -6.89 -10.78 -20.05
N VAL B 43 -7.17 -11.58 -21.07
CA VAL B 43 -6.12 -12.44 -21.63
C VAL B 43 -5.67 -11.96 -23.01
N ASP B 44 -6.53 -12.08 -24.01
CA ASP B 44 -6.00 -11.91 -25.36
C ASP B 44 -6.14 -10.54 -26.08
N ASP B 45 -7.26 -9.83 -25.96
CA ASP B 45 -7.39 -8.56 -26.66
C ASP B 45 -7.39 -7.48 -25.61
N CYS B 46 -6.41 -7.75 -24.51
CA CYS B 46 -6.66 -6.81 -23.46
C CYS B 46 -5.75 -5.58 -23.53
N LEU B 47 -6.47 -4.37 -23.23
CA LEU B 47 -6.04 -2.99 -23.47
C LEU B 47 -4.80 -2.66 -22.68
N ASN B 48 -4.82 -3.02 -21.40
CA ASN B 48 -3.67 -2.88 -20.52
C ASN B 48 -2.58 -3.91 -20.83
N ARG B 49 -2.94 -5.18 -20.94
CA ARG B 49 -1.94 -6.20 -21.18
C ARG B 49 -1.12 -5.90 -22.44
N MET B 50 -1.81 -5.44 -23.47
CA MET B 50 -1.21 -5.17 -24.75
C MET B 50 -0.17 -4.05 -24.80
N ILE B 51 -0.14 -3.23 -23.75
CA ILE B 51 0.84 -2.16 -23.64
C ILE B 51 1.66 -2.38 -22.37
N PHE B 52 1.79 -3.67 -22.00
CA PHE B 52 2.65 -4.08 -20.87
C PHE B 52 2.36 -3.25 -19.62
N ALA B 53 1.09 -3.04 -19.35
CA ALA B 53 0.67 -2.48 -18.07
C ALA B 53 -0.28 -3.45 -17.36
N GLU B 54 0.02 -3.79 -16.11
CA GLU B 54 -0.92 -4.62 -15.38
C GLU B 54 -2.10 -3.77 -14.97
N CYS B 55 -3.29 -4.37 -14.92
CA CYS B 55 -4.50 -3.70 -14.41
C CYS B 55 -4.40 -3.35 -12.93
N SER B 56 -5.19 -2.36 -12.50
CA SER B 56 -5.41 -2.07 -11.07
C SER B 56 -6.59 -2.87 -10.59
N PRO B 57 -6.41 -3.55 -9.44
CA PRO B 57 -7.45 -4.44 -8.95
C PRO B 57 -8.73 -3.67 -8.63
N ASN B 58 -8.60 -2.37 -8.38
CA ASN B 58 -9.75 -1.54 -8.11
C ASN B 58 -10.63 -1.40 -9.34
N THR B 59 -10.03 -1.21 -10.51
CA THR B 59 -10.81 -0.80 -11.67
C THR B 59 -11.16 -1.88 -12.70
N CYS B 60 -10.62 -3.09 -12.55
CA CYS B 60 -10.77 -4.05 -13.63
C CYS B 60 -12.12 -4.79 -13.66
N PRO B 61 -12.80 -4.75 -14.83
CA PRO B 61 -14.10 -5.39 -15.07
C PRO B 61 -14.13 -6.88 -14.75
N CYS B 62 -12.97 -7.53 -14.81
CA CYS B 62 -12.88 -8.96 -14.59
C CYS B 62 -12.81 -9.37 -13.12
N GLY B 63 -12.65 -8.39 -12.23
CA GLY B 63 -12.59 -8.65 -10.78
C GLY B 63 -11.46 -9.58 -10.41
N GLU B 64 -11.78 -10.60 -9.61
CA GLU B 64 -10.79 -11.58 -9.16
C GLU B 64 -10.47 -12.52 -10.31
N GLN B 65 -11.02 -12.24 -11.48
CA GLN B 65 -10.84 -13.10 -12.63
C GLN B 65 -9.88 -12.50 -13.67
N CYS B 66 -9.39 -11.29 -13.39
CA CYS B 66 -8.33 -10.67 -14.19
C CYS B 66 -7.04 -11.46 -14.16
N CYS B 67 -6.60 -11.91 -15.33
CA CYS B 67 -5.32 -12.57 -15.45
C CYS B 67 -4.19 -11.61 -15.78
N ASN B 68 -4.44 -10.30 -15.61
CA ASN B 68 -3.42 -9.29 -15.92
C ASN B 68 -2.81 -8.61 -14.70
N GLN B 69 -2.54 -9.38 -13.65
CA GLN B 69 -2.04 -8.82 -12.42
C GLN B 69 -1.05 -9.82 -11.84
N ARG B 70 -0.35 -10.48 -12.75
CA ARG B 70 0.47 -11.60 -12.42
C ARG B 70 1.65 -11.23 -11.54
N ILE B 71 2.27 -10.07 -11.79
CA ILE B 71 3.43 -9.67 -10.95
C ILE B 71 2.92 -9.05 -9.62
N GLN B 72 1.84 -8.27 -9.69
CA GLN B 72 1.15 -7.76 -8.51
C GLN B 72 0.93 -8.85 -7.45
N ARG B 73 0.45 -10.01 -7.89
CA ARG B 73 0.00 -11.07 -6.97
C ARG B 73 1.03 -12.15 -6.72
N HIS B 74 2.27 -11.92 -7.15
CA HIS B 74 3.36 -12.89 -7.05
C HIS B 74 2.96 -14.24 -7.58
N GLU B 75 2.32 -14.25 -8.75
CA GLU B 75 1.93 -15.51 -9.36
C GLU B 75 3.10 -16.25 -10.01
N TRP B 76 4.18 -16.40 -9.27
CA TRP B 76 5.30 -17.17 -9.70
C TRP B 76 4.90 -18.64 -9.86
N VAL B 77 5.30 -19.22 -10.97
CA VAL B 77 5.22 -20.67 -11.24
C VAL B 77 5.87 -21.42 -10.05
N GLN B 78 5.30 -22.53 -9.60
CA GLN B 78 5.81 -23.29 -8.39
C GLN B 78 6.54 -24.62 -8.68
N CYS B 79 6.95 -24.84 -9.91
CA CYS B 79 7.61 -26.07 -10.27
C CYS B 79 9.07 -25.86 -10.57
N LEU B 80 9.64 -24.75 -10.10
CA LEU B 80 11.04 -24.47 -10.31
C LEU B 80 11.86 -25.22 -9.31
N GLU B 81 13.10 -25.52 -9.69
CA GLU B 81 14.04 -26.20 -8.84
C GLU B 81 15.44 -25.82 -9.25
N ARG B 82 16.29 -25.55 -8.26
CA ARG B 82 17.67 -25.26 -8.50
C ARG B 82 18.43 -26.56 -8.64
N PHE B 83 19.43 -26.58 -9.52
CA PHE B 83 20.17 -27.80 -9.81
C PHE B 83 21.60 -27.47 -10.23
N ARG B 84 22.40 -28.52 -10.40
CA ARG B 84 23.80 -28.37 -10.75
C ARG B 84 23.92 -28.49 -12.25
N ALA B 85 24.04 -27.33 -12.89
CA ALA B 85 24.19 -27.27 -14.33
C ALA B 85 25.64 -27.48 -14.76
N GLU B 86 25.86 -28.53 -15.54
CA GLU B 86 27.20 -28.93 -16.03
C GLU B 86 28.02 -27.76 -16.55
N GLU B 87 29.15 -27.48 -15.88
CA GLU B 87 30.07 -26.40 -16.26
C GLU B 87 29.53 -24.97 -16.11
N LYS B 88 28.40 -24.83 -15.42
CA LYS B 88 27.77 -23.53 -15.29
C LYS B 88 27.27 -23.26 -13.87
N GLY B 89 27.88 -23.93 -12.88
CA GLY B 89 27.51 -23.75 -11.49
C GLY B 89 26.06 -24.15 -11.28
N TRP B 90 25.33 -23.33 -10.53
CA TRP B 90 23.93 -23.58 -10.27
C TRP B 90 23.09 -23.12 -11.47
N GLY B 91 21.96 -23.76 -11.68
CA GLY B 91 21.04 -23.34 -12.72
C GLY B 91 19.64 -23.54 -12.22
N ILE B 92 18.65 -23.13 -13.01
CA ILE B 92 17.26 -23.36 -12.68
C ILE B 92 16.50 -24.15 -13.73
N ARG B 93 15.73 -25.13 -13.27
CA ARG B 93 14.91 -25.88 -14.21
C ARG B 93 13.48 -25.96 -13.77
N THR B 94 12.61 -26.32 -14.70
CA THR B 94 11.20 -26.53 -14.39
C THR B 94 10.92 -28.03 -14.25
N LYS B 95 10.08 -28.37 -13.27
CA LYS B 95 9.69 -29.77 -13.07
C LYS B 95 8.40 -30.10 -13.83
N GLU B 96 7.79 -29.10 -14.44
CA GLU B 96 6.54 -29.30 -15.13
C GLU B 96 6.70 -28.59 -16.45
N PRO B 97 5.94 -29.03 -17.48
CA PRO B 97 6.13 -28.41 -18.80
C PRO B 97 5.56 -27.02 -18.81
N LEU B 98 6.19 -26.09 -19.53
CA LEU B 98 5.67 -24.73 -19.60
C LEU B 98 5.16 -24.39 -20.98
N LYS B 99 4.28 -23.39 -21.05
CA LYS B 99 3.75 -22.86 -22.33
C LYS B 99 4.34 -21.51 -22.74
N ALA B 100 4.40 -21.29 -24.04
CA ALA B 100 4.86 -20.05 -24.60
C ALA B 100 4.11 -18.87 -23.96
N GLY B 101 4.86 -17.88 -23.46
CA GLY B 101 4.28 -16.68 -22.90
C GLY B 101 3.84 -16.77 -21.45
N GLN B 102 4.15 -17.87 -20.78
CA GLN B 102 3.82 -18.08 -19.36
C GLN B 102 4.73 -17.25 -18.45
N PHE B 103 4.12 -16.52 -17.52
CA PHE B 103 4.86 -15.81 -16.52
C PHE B 103 5.50 -16.85 -15.65
N ILE B 104 6.75 -16.62 -15.26
CA ILE B 104 7.49 -17.59 -14.46
C ILE B 104 7.91 -17.08 -13.09
N ILE B 105 8.55 -15.92 -13.04
CA ILE B 105 8.95 -15.34 -11.78
C ILE B 105 9.42 -13.92 -12.00
N GLU B 106 9.28 -13.06 -10.98
CA GLU B 106 9.81 -11.70 -11.07
C GLU B 106 11.31 -11.73 -10.87
N TYR B 107 12.05 -10.85 -11.56
CA TYR B 107 13.46 -10.65 -11.26
C TYR B 107 13.60 -9.63 -10.12
N LEU B 108 14.17 -10.06 -8.99
CA LEU B 108 14.20 -9.25 -7.76
C LEU B 108 15.61 -8.85 -7.32
N GLY B 109 15.72 -7.74 -6.61
CA GLY B 109 17.04 -7.29 -6.15
C GLY B 109 16.99 -5.94 -5.44
N GLU B 110 18.16 -5.38 -5.15
CA GLU B 110 18.23 -3.98 -4.72
C GLU B 110 18.26 -3.11 -5.98
N VAL B 111 17.36 -2.13 -6.05
CA VAL B 111 17.34 -1.21 -7.18
C VAL B 111 18.23 -0.03 -6.85
N VAL B 112 19.31 0.09 -7.62
CA VAL B 112 20.39 1.01 -7.35
C VAL B 112 20.74 1.85 -8.60
N SER B 113 21.27 3.04 -8.35
CA SER B 113 21.77 3.92 -9.39
C SER B 113 22.98 3.27 -10.05
N GLU B 114 23.18 3.55 -11.33
CA GLU B 114 24.37 3.06 -12.01
C GLU B 114 25.61 3.71 -11.42
N GLN B 115 25.40 4.53 -10.39
CA GLN B 115 26.51 5.21 -9.75
C GLN B 115 27.01 4.46 -8.54
N GLU B 116 26.11 4.06 -7.65
CA GLU B 116 26.55 3.33 -6.47
C GLU B 116 26.75 1.84 -6.77
N PHE B 117 26.21 1.40 -7.90
CA PHE B 117 26.50 0.05 -8.37
C PHE B 117 28.01 -0.06 -8.49
N ARG B 118 28.59 0.87 -9.24
CA ARG B 118 30.03 0.87 -9.47
C ARG B 118 30.81 1.12 -8.18
N ASN B 119 30.18 1.77 -7.20
CA ASN B 119 30.74 1.91 -5.86
C ASN B 119 30.71 0.56 -5.14
N ARG B 120 29.73 -0.27 -5.49
CA ARG B 120 29.59 -1.60 -4.89
C ARG B 120 30.54 -2.59 -5.58
N MET B 121 30.84 -2.35 -6.85
CA MET B 121 31.78 -3.19 -7.63
C MET B 121 33.23 -3.06 -7.17
N ILE B 122 33.56 -1.86 -6.69
CA ILE B 122 34.93 -1.50 -6.33
C ILE B 122 35.29 -1.89 -4.89
N GLU B 123 34.28 -2.08 -4.04
CA GLU B 123 34.50 -2.27 -2.61
C GLU B 123 34.14 -3.65 -2.04
N GLN B 124 33.09 -4.27 -2.63
CA GLN B 124 32.54 -5.51 -2.08
C GLN B 124 32.49 -6.67 -3.08
N TYR B 125 32.23 -6.37 -4.35
CA TYR B 125 32.15 -7.42 -5.36
C TYR B 125 33.51 -7.61 -6.03
N HIS B 126 34.51 -6.88 -5.54
CA HIS B 126 35.89 -6.85 -6.05
C HIS B 126 36.04 -7.56 -7.38
N ASN B 127 36.67 -8.74 -7.31
CA ASN B 127 36.90 -9.59 -8.47
C ASN B 127 36.00 -10.81 -8.53
N HIS B 128 34.81 -10.72 -7.93
CA HIS B 128 33.75 -11.72 -8.19
C HIS B 128 33.57 -11.76 -9.71
N SER B 129 33.46 -12.96 -10.28
CA SER B 129 33.22 -13.10 -11.74
C SER B 129 31.73 -13.18 -12.13
N ASP B 130 30.94 -13.89 -11.33
CA ASP B 130 29.51 -14.05 -11.58
C ASP B 130 28.79 -12.71 -11.68
N HIS B 131 27.86 -12.60 -12.62
CA HIS B 131 27.06 -11.37 -12.73
C HIS B 131 25.57 -11.50 -12.40
N TYR B 132 25.21 -10.92 -11.25
CA TYR B 132 23.86 -11.01 -10.71
C TYR B 132 23.13 -9.66 -10.79
N CYS B 133 23.00 -9.12 -12.00
CA CYS B 133 22.34 -7.83 -12.17
C CYS B 133 21.62 -7.69 -13.49
N LEU B 134 20.71 -6.73 -13.54
CA LEU B 134 19.98 -6.46 -14.73
C LEU B 134 20.06 -4.97 -15.05
N ASN B 135 19.96 -4.68 -16.33
CA ASN B 135 20.08 -3.34 -16.82
C ASN B 135 18.69 -2.80 -17.06
N LEU B 136 18.30 -1.79 -16.30
CA LEU B 136 16.98 -1.22 -16.51
C LEU B 136 17.03 -0.09 -17.55
N ASP B 137 18.24 0.36 -17.84
CA ASP B 137 18.50 1.32 -18.92
C ASP B 137 17.87 2.67 -18.68
N SER B 138 17.76 3.05 -17.42
CA SER B 138 17.45 4.43 -17.10
C SER B 138 18.43 4.86 -16.03
N GLY B 139 19.68 4.43 -16.20
CA GLY B 139 20.76 4.72 -15.26
C GLY B 139 20.58 4.00 -13.95
N MET B 140 19.79 2.93 -13.97
CA MET B 140 19.53 2.17 -12.76
C MET B 140 19.74 0.70 -13.03
N VAL B 141 20.34 0.04 -12.03
CA VAL B 141 20.65 -1.38 -12.10
C VAL B 141 19.88 -2.19 -11.05
N ILE B 142 19.35 -3.33 -11.44
CA ILE B 142 18.75 -4.20 -10.43
C ILE B 142 19.76 -5.25 -10.00
N ASP B 143 20.33 -5.01 -8.83
CA ASP B 143 21.43 -5.80 -8.28
C ASP B 143 20.87 -6.93 -7.43
N SER B 144 21.20 -8.18 -7.77
CA SER B 144 20.75 -9.34 -7.00
C SER B 144 21.92 -10.18 -6.44
N TYR B 145 23.05 -9.52 -6.21
CA TYR B 145 24.20 -10.14 -5.54
C TYR B 145 23.91 -10.52 -4.10
N ARG B 146 23.24 -9.61 -3.39
CA ARG B 146 23.09 -9.71 -1.94
C ARG B 146 21.68 -10.11 -1.58
N MET B 147 20.73 -9.55 -2.32
CA MET B 147 19.31 -9.76 -2.10
C MET B 147 18.60 -10.05 -3.42
N GLY B 148 17.59 -10.93 -3.37
CA GLY B 148 16.80 -11.26 -4.55
C GLY B 148 16.07 -12.57 -4.34
N ASN B 149 15.83 -13.30 -5.43
CA ASN B 149 15.11 -14.56 -5.40
C ASN B 149 15.73 -15.54 -6.40
N GLU B 150 15.00 -16.58 -6.78
CA GLU B 150 15.63 -17.68 -7.51
C GLU B 150 15.94 -17.26 -8.93
N ALA B 151 15.43 -16.09 -9.34
CA ALA B 151 15.70 -15.57 -10.66
C ALA B 151 17.19 -15.39 -10.89
N ARG B 152 17.95 -15.14 -9.83
CA ARG B 152 19.39 -14.92 -9.95
C ARG B 152 20.16 -16.16 -10.34
N PHE B 153 19.54 -17.32 -10.30
CA PHE B 153 20.29 -18.51 -10.62
C PHE B 153 20.02 -18.95 -12.08
N ILE B 154 19.20 -18.18 -12.80
CA ILE B 154 18.93 -18.51 -14.18
C ILE B 154 20.12 -18.19 -15.09
N ASN B 155 20.58 -19.19 -15.85
CA ASN B 155 21.74 -19.04 -16.71
C ASN B 155 21.47 -18.44 -18.09
N HIS B 156 22.53 -18.07 -18.78
CA HIS B 156 22.45 -17.48 -20.09
C HIS B 156 22.37 -18.58 -21.11
N SER B 157 21.60 -18.33 -22.17
CA SER B 157 21.71 -19.15 -23.37
C SER B 157 21.69 -18.25 -24.62
N CYS B 158 22.45 -18.66 -25.64
CA CYS B 158 22.49 -17.99 -26.93
C CYS B 158 21.22 -18.29 -27.74
N ASP B 159 20.51 -19.36 -27.35
CA ASP B 159 19.18 -19.67 -27.87
C ASP B 159 18.15 -19.82 -26.74
N PRO B 160 17.67 -18.70 -26.22
CA PRO B 160 17.01 -18.78 -24.94
C PRO B 160 15.61 -19.40 -25.03
N ASN B 161 15.11 -19.94 -23.92
CA ASN B 161 13.72 -20.40 -23.82
C ASN B 161 12.85 -19.44 -23.02
N CYS B 162 13.46 -18.44 -22.39
CA CYS B 162 12.70 -17.44 -21.65
C CYS B 162 13.19 -16.06 -21.99
N GLU B 163 12.42 -15.05 -21.61
CA GLU B 163 12.78 -13.66 -21.89
C GLU B 163 12.39 -12.73 -20.75
N MET B 164 13.13 -11.64 -20.60
CA MET B 164 12.70 -10.60 -19.66
C MET B 164 11.70 -9.69 -20.34
N GLN B 165 10.66 -9.33 -19.58
CA GLN B 165 9.68 -8.31 -19.99
C GLN B 165 9.49 -7.20 -18.92
N LYS B 166 9.56 -5.96 -19.37
CA LYS B 166 9.38 -4.81 -18.50
C LYS B 166 7.88 -4.47 -18.47
N TRP B 167 7.34 -4.35 -17.25
CA TRP B 167 5.93 -4.02 -17.05
C TRP B 167 5.76 -2.85 -16.08
N SER B 168 4.73 -2.05 -16.32
CA SER B 168 4.38 -0.98 -15.40
C SER B 168 3.30 -1.53 -14.49
N VAL B 169 3.51 -1.38 -13.19
CA VAL B 169 2.69 -2.04 -12.18
C VAL B 169 2.42 -0.99 -11.09
N ASN B 170 1.28 -0.32 -11.19
CA ASN B 170 0.89 0.68 -10.18
C ASN B 170 1.95 1.75 -9.95
N GLY B 171 2.48 2.30 -11.05
CA GLY B 171 3.37 3.46 -10.97
C GLY B 171 4.85 3.14 -10.97
N VAL B 172 5.17 1.85 -10.87
CA VAL B 172 6.56 1.43 -10.85
C VAL B 172 6.80 0.33 -11.90
N TYR B 173 7.96 0.37 -12.54
CA TYR B 173 8.33 -0.69 -13.45
C TYR B 173 8.88 -1.92 -12.70
N ARG B 174 8.40 -3.10 -13.10
CA ARG B 174 8.85 -4.35 -12.54
C ARG B 174 9.16 -5.33 -13.68
N ILE B 175 10.15 -6.19 -13.44
CA ILE B 175 10.63 -7.07 -14.51
C ILE B 175 10.33 -8.53 -14.24
N GLY B 176 9.57 -9.10 -15.15
CA GLY B 176 9.21 -10.51 -15.09
C GLY B 176 9.97 -11.30 -16.12
N LEU B 177 10.23 -12.57 -15.79
CA LEU B 177 10.72 -13.58 -16.73
C LEU B 177 9.53 -14.35 -17.28
N TYR B 178 9.47 -14.43 -18.62
CA TYR B 178 8.44 -15.12 -19.37
C TYR B 178 9.06 -16.12 -20.32
N ALA B 179 8.38 -17.24 -20.51
CA ALA B 179 8.76 -18.27 -21.48
C ALA B 179 8.57 -17.72 -22.90
N LEU B 180 9.55 -18.00 -23.76
CA LEU B 180 9.40 -17.66 -25.15
C LEU B 180 8.72 -18.79 -25.90
N LYS B 181 8.67 -19.97 -25.27
CA LYS B 181 8.26 -21.18 -26.01
C LYS B 181 7.80 -22.30 -25.07
N ASP B 182 7.01 -23.20 -25.63
CA ASP B 182 6.60 -24.43 -24.97
C ASP B 182 7.83 -25.24 -24.63
N MET B 183 7.84 -25.87 -23.47
CA MET B 183 9.04 -26.64 -23.10
C MET B 183 8.67 -27.76 -22.14
N PRO B 184 9.32 -28.94 -22.28
CA PRO B 184 9.00 -30.09 -21.44
C PRO B 184 9.59 -29.91 -20.06
N ALA B 185 9.05 -30.67 -19.12
CA ALA B 185 9.59 -30.79 -17.77
C ALA B 185 11.06 -31.21 -17.84
N GLY B 186 11.85 -30.69 -16.89
CA GLY B 186 13.29 -30.98 -16.83
C GLY B 186 14.14 -30.00 -17.59
N THR B 187 13.49 -29.10 -18.34
CA THR B 187 14.22 -28.14 -19.15
C THR B 187 14.89 -27.13 -18.25
N GLU B 188 16.17 -26.84 -18.49
CA GLU B 188 16.79 -25.68 -17.83
C GLU B 188 16.28 -24.34 -18.43
N LEU B 189 15.81 -23.45 -17.58
CA LEU B 189 15.38 -22.11 -18.02
C LEU B 189 16.56 -21.18 -18.27
N THR B 190 16.48 -20.40 -19.33
CA THR B 190 17.58 -19.51 -19.68
C THR B 190 17.03 -18.27 -20.34
N TYR B 191 17.81 -17.21 -20.31
CA TYR B 191 17.50 -16.06 -21.12
C TYR B 191 18.78 -15.51 -21.71
N ASP B 192 18.66 -14.70 -22.75
CA ASP B 192 19.83 -14.12 -23.41
C ASP B 192 20.36 -12.88 -22.64
N TYR B 193 21.48 -13.03 -21.94
CA TYR B 193 22.10 -11.93 -21.16
C TYR B 193 22.54 -10.72 -22.01
N ASN B 194 22.86 -10.96 -23.29
CA ASN B 194 23.36 -9.88 -24.16
C ASN B 194 22.35 -8.75 -24.46
N PHE B 195 21.06 -9.00 -24.26
CA PHE B 195 20.00 -8.01 -24.41
C PHE B 195 19.91 -7.01 -23.25
N HIS B 196 20.38 -7.41 -22.08
CA HIS B 196 20.34 -6.56 -20.90
C HIS B 196 21.73 -6.43 -20.32
N SER B 197 22.73 -6.82 -21.11
CA SER B 197 24.09 -6.94 -20.61
C SER B 197 24.62 -5.59 -20.16
N PHE B 198 24.82 -5.46 -18.84
CA PHE B 198 25.88 -4.61 -18.38
C PHE B 198 27.09 -5.30 -18.91
N ASN B 199 27.78 -4.64 -19.83
CA ASN B 199 28.88 -5.36 -20.42
C ASN B 199 29.98 -5.46 -19.43
N VAL B 200 30.12 -6.67 -18.87
CA VAL B 200 31.05 -6.88 -17.81
C VAL B 200 32.38 -7.15 -18.45
N GLU B 201 33.26 -6.14 -18.31
CA GLU B 201 34.34 -5.95 -19.27
C GLU B 201 35.13 -7.24 -19.53
N LYS B 202 34.91 -8.23 -18.66
CA LYS B 202 35.45 -9.58 -18.78
C LYS B 202 34.59 -10.47 -19.68
N ALA B 203 35.23 -11.44 -20.33
CA ALA B 203 34.49 -12.43 -21.09
C ALA B 203 34.60 -13.78 -20.39
N GLN B 204 33.53 -14.55 -20.45
CA GLN B 204 33.56 -15.93 -20.01
C GLN B 204 33.22 -16.77 -21.21
N LEU B 205 33.72 -18.00 -21.22
CA LEU B 205 33.38 -18.95 -22.26
C LEU B 205 31.91 -19.37 -22.08
N CYS B 206 31.13 -19.31 -23.15
CA CYS B 206 29.74 -19.71 -23.05
C CYS B 206 29.55 -21.20 -23.26
N LYS B 207 28.74 -21.82 -22.39
CA LYS B 207 28.49 -23.25 -22.48
C LYS B 207 27.03 -23.66 -22.66
N CYS B 208 26.26 -22.78 -23.30
CA CYS B 208 24.86 -22.99 -23.64
C CYS B 208 24.69 -24.18 -24.55
N GLY B 209 25.68 -24.38 -25.43
CA GLY B 209 25.78 -25.64 -26.19
C GLY B 209 24.97 -25.70 -27.47
N PHE B 210 24.44 -24.56 -27.89
CA PHE B 210 23.63 -24.46 -29.10
C PHE B 210 24.45 -24.16 -30.35
N GLU B 211 23.83 -24.43 -31.49
CA GLU B 211 24.42 -24.23 -32.81
C GLU B 211 24.69 -22.80 -33.14
N LYS B 212 23.96 -21.88 -32.52
CA LYS B 212 24.26 -20.46 -32.74
C LYS B 212 25.07 -19.88 -31.62
N CYS B 213 25.66 -20.72 -30.77
CA CYS B 213 26.40 -20.19 -29.64
C CYS B 213 27.43 -19.19 -30.14
N ARG B 214 27.40 -18.00 -29.56
CA ARG B 214 28.35 -16.96 -29.89
C ARG B 214 29.70 -17.23 -29.26
N GLY B 215 29.79 -18.26 -28.43
CA GLY B 215 31.03 -18.69 -27.79
C GLY B 215 31.35 -17.95 -26.50
N ILE B 216 30.86 -16.72 -26.42
CA ILE B 216 31.24 -15.77 -25.40
C ILE B 216 29.99 -15.24 -24.72
N ILE B 217 30.05 -14.97 -23.42
CA ILE B 217 29.02 -14.17 -22.71
C ILE B 217 29.65 -12.84 -22.34
N GLY B 218 29.02 -11.71 -22.68
CA GLY B 218 29.50 -10.39 -22.29
C GLY B 218 30.90 -10.03 -22.82
N GLY C 1 -10.34 1.12 37.11
CA GLY C 1 -11.50 0.88 36.20
C GLY C 1 -11.27 -0.47 35.60
N ALA C 2 -12.13 -0.86 34.65
CA ALA C 2 -11.93 -2.07 33.89
C ALA C 2 -10.84 -1.91 32.82
N MET C 3 -10.29 -3.03 32.40
CA MET C 3 -9.28 -3.05 31.37
C MET C 3 -9.85 -2.61 30.02
N ALA C 4 -8.98 -2.09 29.18
CA ALA C 4 -9.31 -1.73 27.82
C ALA C 4 -9.86 -2.97 27.13
N GLY C 5 -10.79 -2.78 26.19
CA GLY C 5 -11.41 -3.89 25.45
C GLY C 5 -10.50 -4.50 24.41
N SER C 6 -10.50 -5.83 24.28
CA SER C 6 -9.67 -6.51 23.29
C SER C 6 -10.11 -6.23 21.85
N TYR C 7 -9.14 -6.12 20.94
CA TYR C 7 -9.43 -6.17 19.52
C TYR C 7 -8.24 -6.73 18.74
N LYS C 8 -8.43 -7.01 17.46
CA LYS C 8 -7.28 -7.32 16.64
C LYS C 8 -6.78 -6.07 15.91
N LYS C 9 -5.53 -5.73 16.09
CA LYS C 9 -4.96 -4.57 15.42
C LYS C 9 -4.55 -4.86 13.97
N ILE C 10 -4.97 -4.00 13.07
CA ILE C 10 -4.71 -4.17 11.64
C ILE C 10 -4.04 -2.92 11.10
N ARG C 11 -3.44 -3.04 9.92
CA ARG C 11 -2.70 -1.96 9.29
C ARG C 11 -3.54 -1.23 8.24
N SER C 12 -4.59 -1.89 7.76
CA SER C 12 -5.44 -1.27 6.74
C SER C 12 -6.82 -1.91 6.74
N ASN C 13 -7.81 -1.20 6.19
CA ASN C 13 -9.19 -1.63 6.26
C ASN C 13 -9.40 -3.04 5.74
N VAL C 14 -10.27 -3.81 6.38
CA VAL C 14 -10.60 -5.13 5.87
C VAL C 14 -11.91 -5.08 5.08
N TYR C 15 -11.87 -5.45 3.80
CA TYR C 15 -13.06 -5.46 2.98
C TYR C 15 -13.82 -6.78 3.10
N VAL C 16 -14.97 -6.72 3.77
CA VAL C 16 -15.73 -7.94 4.05
C VAL C 16 -16.70 -8.27 2.91
N ASP C 17 -17.74 -7.48 2.73
CA ASP C 17 -18.70 -7.75 1.64
C ASP C 17 -18.96 -6.59 0.68
N VAL C 18 -18.27 -5.46 0.88
CA VAL C 18 -18.20 -4.46 -0.19
C VAL C 18 -16.82 -3.84 -0.27
N LYS C 19 -16.56 -3.11 -1.35
CA LYS C 19 -15.39 -2.26 -1.53
C LYS C 19 -15.90 -0.83 -1.66
N PRO C 20 -15.31 0.09 -0.91
CA PRO C 20 -15.75 1.48 -0.93
C PRO C 20 -15.05 2.26 -2.04
N LEU C 21 -15.32 1.88 -3.29
CA LEU C 21 -14.67 2.51 -4.45
C LEU C 21 -15.30 3.86 -4.70
N SER C 22 -14.46 4.85 -5.03
CA SER C 22 -14.95 6.22 -5.21
C SER C 22 -15.50 6.46 -6.61
N GLY C 23 -15.21 5.53 -7.53
CA GLY C 23 -15.64 5.70 -8.92
C GLY C 23 -15.09 6.95 -9.63
N TYR C 24 -14.01 7.56 -9.07
CA TYR C 24 -13.27 8.59 -9.82
C TYR C 24 -11.74 8.46 -9.80
N GLU C 25 -11.10 9.40 -10.51
CA GLU C 25 -9.66 9.31 -10.59
C GLU C 25 -8.90 10.58 -10.28
N ALA C 26 -8.31 10.47 -9.05
CA ALA C 26 -7.42 11.51 -8.46
C ALA C 26 -6.44 11.86 -9.54
N THR C 27 -6.45 13.14 -9.96
CA THR C 27 -5.77 13.46 -11.18
C THR C 27 -4.63 14.41 -10.98
N THR C 28 -4.43 15.23 -12.11
CA THR C 28 -3.41 16.23 -12.23
C THR C 28 -4.12 17.51 -11.88
N CYS C 29 -3.65 18.06 -10.76
CA CYS C 29 -4.07 19.37 -10.33
C CYS C 29 -3.17 20.34 -11.08
N ASN C 30 -3.51 21.62 -11.01
CA ASN C 30 -2.75 22.62 -11.72
C ASN C 30 -1.69 23.23 -10.80
N CYS C 31 -1.32 22.49 -9.74
CA CYS C 31 -0.36 22.98 -8.76
C CYS C 31 1.01 23.18 -9.39
N LYS C 32 1.78 24.06 -8.79
CA LYS C 32 3.10 24.33 -9.25
C LYS C 32 4.10 23.72 -8.28
N LYS C 33 5.11 23.08 -8.83
CA LYS C 33 6.18 22.55 -8.02
C LYS C 33 7.07 23.71 -7.52
N PRO C 34 7.14 23.90 -6.18
CA PRO C 34 8.12 24.84 -5.62
C PRO C 34 9.54 24.29 -5.79
N ASP C 35 10.53 25.02 -5.28
CA ASP C 35 11.92 24.63 -5.52
C ASP C 35 12.64 24.01 -4.33
N ASP C 36 12.30 24.45 -3.14
CA ASP C 36 12.94 23.86 -1.98
C ASP C 36 12.23 22.60 -1.56
N ASP C 37 13.01 21.52 -1.43
CA ASP C 37 12.54 20.26 -0.86
C ASP C 37 11.76 20.55 0.44
N THR C 38 12.07 21.74 1.02
CA THR C 38 11.54 22.20 2.33
C THR C 38 10.36 23.16 2.13
N ARG C 39 9.94 23.30 0.86
CA ARG C 39 8.71 24.01 0.51
C ARG C 39 7.75 23.01 -0.12
N LYS C 40 6.63 22.81 0.55
CA LYS C 40 5.70 21.76 0.15
C LYS C 40 4.82 22.18 -1.03
N GLY C 41 4.44 21.21 -1.84
CA GLY C 41 3.55 21.47 -2.97
C GLY C 41 2.13 21.09 -2.62
N CYS C 42 1.19 21.49 -3.46
CA CYS C 42 -0.23 21.18 -3.26
C CYS C 42 -0.76 21.68 -1.88
N VAL C 43 -0.58 22.97 -1.61
CA VAL C 43 -1.18 23.64 -0.44
C VAL C 43 -2.71 23.73 -0.66
N ASP C 44 -3.40 24.64 0.09
CA ASP C 44 -4.87 24.78 0.02
C ASP C 44 -5.49 24.91 -1.37
N ASP C 45 -4.79 25.56 -2.30
CA ASP C 45 -5.25 25.72 -3.71
C ASP C 45 -5.41 24.42 -4.44
N CYS C 46 -4.74 23.38 -3.97
CA CYS C 46 -4.67 22.14 -4.71
C CYS C 46 -6.07 21.67 -5.07
N LEU C 47 -6.26 21.39 -6.36
CA LEU C 47 -7.58 21.05 -6.90
C LEU C 47 -8.04 19.66 -6.47
N ASN C 48 -7.10 18.78 -6.12
CA ASN C 48 -7.47 17.47 -5.58
C ASN C 48 -7.92 17.58 -4.12
N ARG C 49 -7.14 18.36 -3.36
CA ARG C 49 -7.38 18.66 -1.95
C ARG C 49 -8.76 19.24 -1.71
N MET C 50 -9.19 20.15 -2.59
CA MET C 50 -10.50 20.78 -2.48
C MET C 50 -11.73 19.89 -2.53
N ILE C 51 -11.60 18.76 -3.22
CA ILE C 51 -12.63 17.73 -3.25
C ILE C 51 -12.26 16.54 -2.34
N PHE C 52 -11.38 16.77 -1.37
CA PHE C 52 -10.92 15.70 -0.45
C PHE C 52 -10.45 14.48 -1.21
N ALA C 53 -9.62 14.71 -2.22
CA ALA C 53 -8.96 13.62 -2.91
C ALA C 53 -7.48 13.82 -2.71
N GLU C 54 -6.80 12.72 -2.43
CA GLU C 54 -5.37 12.77 -2.32
C GLU C 54 -4.79 12.72 -3.71
N CYS C 55 -3.69 13.44 -3.93
CA CYS C 55 -2.89 13.28 -5.15
C CYS C 55 -2.33 11.87 -5.27
N SER C 56 -2.04 11.47 -6.49
CA SER C 56 -1.31 10.23 -6.71
C SER C 56 0.17 10.54 -6.91
N PRO C 57 1.06 9.77 -6.25
CA PRO C 57 2.47 10.11 -6.40
C PRO C 57 2.99 9.83 -7.82
N ASN C 58 2.25 9.04 -8.60
CA ASN C 58 2.64 8.75 -9.97
C ASN C 58 2.43 9.89 -10.95
N THR C 59 1.54 10.81 -10.58
CA THR C 59 1.08 11.76 -11.54
C THR C 59 1.15 13.20 -11.07
N CYS C 60 1.27 13.38 -9.76
CA CYS C 60 1.24 14.70 -9.20
C CYS C 60 2.44 15.51 -9.70
N PRO C 61 2.19 16.76 -10.18
CA PRO C 61 3.28 17.58 -10.70
C PRO C 61 4.30 18.00 -9.63
N CYS C 62 3.98 17.80 -8.35
CA CYS C 62 4.86 18.25 -7.25
C CYS C 62 5.86 17.23 -6.77
N GLY C 63 5.70 15.97 -7.21
CA GLY C 63 6.66 14.93 -6.89
C GLY C 63 6.62 14.59 -5.42
N GLU C 64 7.77 14.21 -4.87
CA GLU C 64 7.89 13.92 -3.43
C GLU C 64 7.73 15.19 -2.63
N GLN C 65 7.49 16.31 -3.32
CA GLN C 65 7.23 17.56 -2.61
C GLN C 65 5.74 17.81 -2.33
N CYS C 66 4.87 16.95 -2.84
CA CYS C 66 3.45 17.02 -2.56
C CYS C 66 3.17 16.64 -1.10
N CYS C 67 2.46 17.52 -0.38
CA CYS C 67 2.04 17.23 1.01
C CYS C 67 0.62 16.73 1.11
N ASN C 68 -0.01 16.48 -0.05
CA ASN C 68 -1.41 16.00 -0.10
C ASN C 68 -1.56 14.48 -0.28
N GLN C 69 -0.75 13.73 0.48
CA GLN C 69 -0.72 12.25 0.40
C GLN C 69 -0.59 11.69 1.83
N ARG C 70 -1.26 12.34 2.77
CA ARG C 70 -1.08 12.06 4.20
C ARG C 70 -1.60 10.68 4.60
N ILE C 71 -2.75 10.27 4.05
CA ILE C 71 -3.34 8.99 4.39
C ILE C 71 -2.64 7.83 3.70
N GLN C 72 -2.44 7.94 2.38
CA GLN C 72 -1.80 6.82 1.70
C GLN C 72 -0.36 6.57 2.22
N ARG C 73 0.35 7.62 2.61
CA ARG C 73 1.66 7.41 3.17
C ARG C 73 1.62 7.17 4.70
N HIS C 74 0.40 7.00 5.25
CA HIS C 74 0.22 6.75 6.69
C HIS C 74 0.96 7.75 7.59
N GLU C 75 0.78 9.04 7.32
CA GLU C 75 1.50 10.12 8.04
C GLU C 75 0.86 10.46 9.40
N TRP C 76 0.62 9.43 10.21
CA TRP C 76 0.00 9.55 11.49
C TRP C 76 0.87 10.37 12.45
N VAL C 77 0.25 11.04 13.40
CA VAL C 77 1.07 11.58 14.46
C VAL C 77 1.56 10.46 15.38
N GLN C 78 2.81 10.56 15.75
CA GLN C 78 3.46 9.52 16.52
C GLN C 78 3.52 9.97 17.96
N CYS C 79 2.39 10.48 18.47
CA CYS C 79 2.36 10.98 19.84
C CYS C 79 1.03 10.70 20.59
N LEU C 80 0.42 9.54 20.33
CA LEU C 80 -0.89 9.24 20.88
C LEU C 80 -0.75 8.29 22.06
N GLU C 81 -1.63 8.45 23.04
CA GLU C 81 -1.64 7.58 24.20
C GLU C 81 -3.06 7.28 24.62
N ARG C 82 -3.29 6.01 24.89
CA ARG C 82 -4.54 5.53 25.40
C ARG C 82 -4.49 5.71 26.91
N PHE C 83 -5.60 6.12 27.51
CA PHE C 83 -5.59 6.53 28.91
C PHE C 83 -7.00 6.48 29.47
N ARG C 84 -7.10 6.38 30.80
CA ARG C 84 -8.39 6.44 31.49
C ARG C 84 -8.97 7.84 31.47
N ALA C 85 -10.03 8.03 30.69
CA ALA C 85 -10.77 9.29 30.73
C ALA C 85 -11.89 9.19 31.74
N GLU C 86 -11.90 10.11 32.70
CA GLU C 86 -12.93 10.12 33.77
C GLU C 86 -14.32 9.94 33.20
N GLU C 87 -14.97 8.85 33.59
CA GLU C 87 -16.41 8.68 33.34
C GLU C 87 -16.69 8.23 31.90
N LYS C 88 -15.63 8.04 31.11
CA LYS C 88 -15.83 7.56 29.74
C LYS C 88 -14.84 6.46 29.31
N GLY C 89 -14.61 5.52 30.22
CA GLY C 89 -13.75 4.37 30.01
C GLY C 89 -12.40 4.86 29.54
N TRP C 90 -11.97 4.37 28.39
CA TRP C 90 -10.68 4.71 27.83
C TRP C 90 -10.85 5.73 26.72
N GLY C 91 -9.86 6.59 26.56
CA GLY C 91 -9.84 7.54 25.46
C GLY C 91 -8.44 7.65 24.93
N ILE C 92 -8.26 8.53 23.95
CA ILE C 92 -6.93 8.82 23.45
C ILE C 92 -6.59 10.30 23.58
N ARG C 93 -5.33 10.59 23.94
CA ARG C 93 -4.88 11.97 24.04
C ARG C 93 -3.57 12.16 23.28
N THR C 94 -3.23 13.39 22.94
CA THR C 94 -1.97 13.65 22.24
C THR C 94 -0.92 14.09 23.27
N LYS C 95 0.34 13.74 22.99
CA LYS C 95 1.45 14.05 23.89
C LYS C 95 2.19 15.30 23.54
N GLU C 96 1.84 15.83 22.38
CA GLU C 96 2.48 17.01 21.86
C GLU C 96 1.38 17.89 21.28
N PRO C 97 1.67 19.18 21.12
CA PRO C 97 0.64 20.09 20.64
C PRO C 97 0.29 19.75 19.22
N LEU C 98 -0.93 20.08 18.81
CA LEU C 98 -1.36 19.83 17.45
C LEU C 98 -1.95 21.09 16.89
N LYS C 99 -1.89 21.24 15.57
CA LYS C 99 -2.41 22.44 14.91
C LYS C 99 -3.67 22.16 14.09
N ALA C 100 -4.49 23.20 13.95
CA ALA C 100 -5.72 23.08 13.20
C ALA C 100 -5.45 22.49 11.82
N GLY C 101 -6.28 21.53 11.44
CA GLY C 101 -6.19 20.90 10.11
C GLY C 101 -5.24 19.70 10.03
N GLN C 102 -4.38 19.54 11.04
CA GLN C 102 -3.35 18.52 10.99
C GLN C 102 -4.02 17.12 10.94
N PHE C 103 -3.48 16.26 10.10
CA PHE C 103 -3.89 14.89 10.05
C PHE C 103 -3.30 14.18 11.23
N ILE C 104 -4.09 13.30 11.85
CA ILE C 104 -3.74 12.69 13.11
C ILE C 104 -3.67 11.19 13.04
N ILE C 105 -4.71 10.55 12.53
CA ILE C 105 -4.71 9.11 12.41
C ILE C 105 -5.89 8.69 11.52
N GLU C 106 -5.69 7.60 10.77
CA GLU C 106 -6.77 6.95 10.05
C GLU C 106 -7.61 6.09 10.99
N TYR C 107 -8.90 6.01 10.69
CA TYR C 107 -9.78 5.17 11.43
C TYR C 107 -9.92 3.85 10.62
N LEU C 108 -9.50 2.73 11.23
CA LEU C 108 -9.47 1.46 10.51
C LEU C 108 -10.50 0.50 11.06
N GLY C 109 -10.92 -0.45 10.23
CA GLY C 109 -11.86 -1.47 10.71
C GLY C 109 -12.26 -2.42 9.60
N GLU C 110 -13.27 -3.22 9.84
CA GLU C 110 -13.86 -4.05 8.78
C GLU C 110 -14.85 -3.18 8.03
N VAL C 111 -14.68 -3.10 6.72
CA VAL C 111 -15.63 -2.34 5.90
C VAL C 111 -16.79 -3.27 5.53
N VAL C 112 -17.99 -2.86 5.90
CA VAL C 112 -19.10 -3.79 6.00
C VAL C 112 -20.36 -3.15 5.44
N SER C 113 -21.18 -3.93 4.73
CA SER C 113 -22.43 -3.37 4.21
C SER C 113 -23.33 -2.96 5.38
N GLU C 114 -24.23 -2.01 5.12
CA GLU C 114 -25.23 -1.57 6.07
C GLU C 114 -25.96 -2.73 6.74
N GLN C 115 -26.32 -3.74 5.95
CA GLN C 115 -27.13 -4.85 6.40
C GLN C 115 -26.32 -5.85 7.20
N GLU C 116 -25.14 -6.20 6.71
CA GLU C 116 -24.20 -7.04 7.47
C GLU C 116 -23.97 -6.54 8.87
N PHE C 117 -23.89 -5.22 9.03
CA PHE C 117 -23.66 -4.63 10.34
C PHE C 117 -24.85 -4.81 11.29
N ARG C 118 -26.05 -4.59 10.76
CA ARG C 118 -27.30 -4.85 11.49
C ARG C 118 -27.43 -6.30 11.94
N ASN C 119 -26.93 -7.22 11.12
CA ASN C 119 -26.88 -8.64 11.49
C ASN C 119 -25.93 -8.84 12.65
N ARG C 120 -24.78 -8.18 12.57
CA ARG C 120 -23.82 -8.25 13.65
C ARG C 120 -24.35 -7.61 14.93
N MET C 121 -25.08 -6.49 14.79
CA MET C 121 -25.69 -5.83 15.95
C MET C 121 -26.56 -6.75 16.81
N ILE C 122 -27.48 -7.49 16.16
CA ILE C 122 -28.38 -8.41 16.88
C ILE C 122 -27.70 -9.66 17.47
N GLU C 123 -26.89 -10.37 16.67
CA GLU C 123 -26.33 -11.68 17.10
C GLU C 123 -24.97 -11.71 17.84
N GLN C 124 -24.30 -10.57 17.94
CA GLN C 124 -23.02 -10.51 18.65
C GLN C 124 -22.87 -9.25 19.49
N TYR C 125 -23.40 -8.13 18.99
CA TYR C 125 -23.20 -6.83 19.64
C TYR C 125 -24.32 -6.37 20.58
N HIS C 126 -25.44 -7.12 20.61
CA HIS C 126 -26.61 -6.77 21.43
C HIS C 126 -26.27 -6.48 22.91
N ASN C 127 -25.33 -7.23 23.46
CA ASN C 127 -24.92 -7.07 24.86
C ASN C 127 -23.61 -6.29 25.03
N HIS C 128 -23.47 -5.19 24.29
CA HIS C 128 -22.26 -4.39 24.39
C HIS C 128 -22.46 -3.04 25.07
N SER C 129 -21.44 -2.67 25.85
CA SER C 129 -21.41 -1.51 26.70
C SER C 129 -20.65 -0.35 26.03
N ASP C 130 -20.01 -0.66 24.89
CA ASP C 130 -19.26 0.33 24.11
C ASP C 130 -19.45 0.10 22.61
N HIS C 131 -19.46 1.16 21.82
CA HIS C 131 -19.82 1.04 20.40
C HIS C 131 -18.77 1.59 19.43
N TYR C 132 -18.52 0.85 18.35
CA TYR C 132 -17.32 1.06 17.57
C TYR C 132 -17.59 1.06 16.06
N CYS C 133 -18.12 2.16 15.56
CA CYS C 133 -18.58 2.21 14.19
C CYS C 133 -18.63 3.62 13.61
N LEU C 134 -18.15 3.77 12.38
CA LEU C 134 -18.35 5.01 11.62
C LEU C 134 -19.09 4.72 10.34
N ASN C 135 -19.89 5.68 9.86
CA ASN C 135 -20.48 5.61 8.53
C ASN C 135 -19.42 5.93 7.52
N LEU C 136 -19.41 5.22 6.40
CA LEU C 136 -18.36 5.39 5.45
C LEU C 136 -18.87 6.07 4.19
N ASP C 137 -19.73 5.36 3.47
CA ASP C 137 -20.29 5.92 2.26
C ASP C 137 -21.76 5.46 2.14
N SER C 138 -22.18 5.06 0.93
CA SER C 138 -23.58 4.69 0.66
C SER C 138 -23.96 3.29 1.17
N GLY C 139 -24.57 3.24 2.36
CA GLY C 139 -24.84 1.97 3.02
C GLY C 139 -23.60 1.11 3.22
N MET C 140 -22.50 1.73 3.61
CA MET C 140 -21.31 1.00 4.01
C MET C 140 -20.83 1.59 5.32
N VAL C 141 -20.13 0.76 6.08
CA VAL C 141 -19.79 1.10 7.43
C VAL C 141 -18.41 0.57 7.79
N ILE C 142 -17.68 1.32 8.61
CA ILE C 142 -16.43 0.84 9.19
C ILE C 142 -16.63 0.38 10.63
N ASP C 143 -16.64 -0.94 10.81
CA ASP C 143 -16.87 -1.59 12.09
C ASP C 143 -15.55 -1.91 12.75
N SER C 144 -15.38 -1.43 13.98
CA SER C 144 -14.12 -1.62 14.70
C SER C 144 -14.31 -2.35 16.03
N TYR C 145 -15.40 -3.10 16.13
CA TYR C 145 -15.70 -3.91 17.30
C TYR C 145 -14.67 -5.01 17.47
N ARG C 146 -14.19 -5.56 16.37
CA ARG C 146 -13.30 -6.72 16.45
C ARG C 146 -11.93 -6.44 15.91
N MET C 147 -11.90 -5.72 14.79
CA MET C 147 -10.65 -5.38 14.12
C MET C 147 -10.53 -3.87 14.00
N GLY C 148 -9.32 -3.34 14.11
CA GLY C 148 -9.15 -1.92 14.00
C GLY C 148 -7.82 -1.36 14.45
N ASN C 149 -7.84 -0.13 14.96
CA ASN C 149 -6.63 0.51 15.47
C ASN C 149 -7.03 1.44 16.60
N GLU C 150 -6.08 2.24 17.08
CA GLU C 150 -6.26 2.99 18.30
C GLU C 150 -7.27 4.10 18.19
N ALA C 151 -7.54 4.58 16.98
CA ALA C 151 -8.67 5.49 16.73
C ALA C 151 -10.02 4.96 17.27
N ARG C 152 -10.15 3.65 17.46
CA ARG C 152 -11.36 3.08 18.06
C ARG C 152 -11.66 3.52 19.51
N PHE C 153 -10.66 4.08 20.23
CA PHE C 153 -10.87 4.50 21.61
C PHE C 153 -11.13 6.01 21.74
N ILE C 154 -11.22 6.72 20.62
CA ILE C 154 -11.51 8.13 20.64
C ILE C 154 -12.98 8.36 21.04
N ASN C 155 -13.18 9.13 22.11
CA ASN C 155 -14.48 9.46 22.64
C ASN C 155 -15.25 10.55 21.93
N HIS C 156 -16.52 10.70 22.31
CA HIS C 156 -17.41 11.68 21.72
C HIS C 156 -17.38 12.98 22.51
N SER C 157 -17.63 14.10 21.85
CA SER C 157 -17.82 15.37 22.53
C SER C 157 -18.79 16.20 21.72
N CYS C 158 -19.74 16.82 22.42
CA CYS C 158 -20.68 17.73 21.79
C CYS C 158 -19.98 19.02 21.35
N ASP C 159 -18.80 19.29 21.93
CA ASP C 159 -17.97 20.42 21.50
C ASP C 159 -16.56 19.95 21.12
N PRO C 160 -16.45 19.35 19.92
CA PRO C 160 -15.26 18.55 19.59
C PRO C 160 -14.02 19.34 19.14
N ASN C 161 -12.84 18.75 19.30
CA ASN C 161 -11.61 19.40 18.85
C ASN C 161 -11.01 18.78 17.60
N CYS C 162 -11.63 17.71 17.12
CA CYS C 162 -11.24 16.99 15.93
C CYS C 162 -12.45 16.56 15.09
N GLU C 163 -12.19 16.08 13.89
CA GLU C 163 -13.27 15.76 12.97
C GLU C 163 -12.85 14.58 12.08
N MET C 164 -13.78 13.68 11.77
CA MET C 164 -13.56 12.65 10.73
C MET C 164 -13.85 13.23 9.38
N GLN C 165 -12.96 13.01 8.42
CA GLN C 165 -13.18 13.38 7.05
C GLN C 165 -13.02 12.19 6.12
N LYS C 166 -13.92 12.07 5.16
CA LYS C 166 -13.85 11.03 4.15
C LYS C 166 -13.10 11.55 2.92
N TRP C 167 -12.07 10.82 2.51
CA TRP C 167 -11.17 11.24 1.45
C TRP C 167 -11.13 10.16 0.43
N SER C 168 -10.94 10.51 -0.84
CA SER C 168 -10.75 9.52 -1.86
C SER C 168 -9.28 9.30 -2.06
N VAL C 169 -8.84 8.07 -1.83
CA VAL C 169 -7.43 7.78 -1.84
C VAL C 169 -7.15 6.69 -2.85
N ASN C 170 -6.64 7.10 -4.02
CA ASN C 170 -6.40 6.21 -5.16
C ASN C 170 -7.60 5.27 -5.46
N GLY C 171 -8.79 5.83 -5.61
CA GLY C 171 -9.97 5.06 -5.98
C GLY C 171 -10.80 4.55 -4.81
N VAL C 172 -10.31 4.74 -3.59
CA VAL C 172 -10.97 4.18 -2.43
C VAL C 172 -11.30 5.29 -1.42
N TYR C 173 -12.45 5.21 -0.77
CA TYR C 173 -12.72 6.12 0.33
C TYR C 173 -12.05 5.60 1.60
N ARG C 174 -11.30 6.47 2.26
CA ARG C 174 -10.74 6.17 3.56
C ARG C 174 -11.06 7.31 4.51
N ILE C 175 -11.24 6.99 5.78
CA ILE C 175 -11.58 8.02 6.74
C ILE C 175 -10.42 8.38 7.67
N GLY C 176 -10.24 9.69 7.85
CA GLY C 176 -9.13 10.21 8.64
C GLY C 176 -9.63 11.15 9.72
N LEU C 177 -8.82 11.26 10.79
CA LEU C 177 -9.09 12.18 11.86
C LEU C 177 -8.15 13.37 11.71
N TYR C 178 -8.72 14.56 11.68
CA TYR C 178 -7.97 15.80 11.50
C TYR C 178 -8.38 16.76 12.60
N ALA C 179 -7.44 17.57 13.05
CA ALA C 179 -7.72 18.51 14.11
C ALA C 179 -8.61 19.64 13.59
N LEU C 180 -9.61 20.01 14.38
CA LEU C 180 -10.42 21.21 14.13
C LEU C 180 -9.84 22.52 14.64
N LYS C 181 -8.99 22.45 15.67
CA LYS C 181 -8.44 23.64 16.34
C LYS C 181 -7.07 23.29 16.91
N ASP C 182 -6.30 24.31 17.30
CA ASP C 182 -5.05 24.09 18.04
C ASP C 182 -5.34 23.44 19.37
N MET C 183 -4.48 22.52 19.76
CA MET C 183 -4.70 21.81 21.00
C MET C 183 -3.32 21.68 21.60
N PRO C 184 -3.20 21.88 22.91
CA PRO C 184 -1.95 21.73 23.65
C PRO C 184 -1.73 20.30 24.14
N ALA C 185 -0.54 20.03 24.68
CA ALA C 185 -0.14 18.69 25.07
C ALA C 185 -1.00 18.17 26.22
N GLY C 186 -1.28 16.86 26.21
CA GLY C 186 -2.18 16.24 27.22
C GLY C 186 -3.65 16.18 26.84
N THR C 187 -4.02 16.77 25.69
CA THR C 187 -5.45 16.97 25.40
C THR C 187 -6.09 15.71 24.81
N GLU C 188 -7.22 15.32 25.40
CA GLU C 188 -8.05 14.27 24.85
C GLU C 188 -8.63 14.60 23.47
N LEU C 189 -8.35 13.74 22.51
CA LEU C 189 -8.96 13.83 21.19
C LEU C 189 -10.44 13.47 21.27
N THR C 190 -11.27 14.29 20.61
CA THR C 190 -12.70 14.01 20.53
C THR C 190 -13.26 14.37 19.15
N TYR C 191 -14.29 13.64 18.74
CA TYR C 191 -15.16 14.05 17.63
C TYR C 191 -16.64 13.78 17.92
N ASP C 192 -17.51 14.41 17.15
CA ASP C 192 -18.93 14.34 17.41
C ASP C 192 -19.43 13.09 16.73
N TYR C 193 -19.94 12.15 17.50
CA TYR C 193 -20.41 10.87 16.94
C TYR C 193 -21.71 11.06 16.11
N ASN C 194 -22.58 11.99 16.50
CA ASN C 194 -23.87 12.11 15.79
C ASN C 194 -23.65 12.23 14.31
N PHE C 195 -22.65 13.02 13.97
CA PHE C 195 -22.38 13.33 12.59
C PHE C 195 -21.53 12.30 11.83
N HIS C 196 -20.71 11.55 12.56
CA HIS C 196 -19.68 10.74 11.93
C HIS C 196 -19.96 9.26 12.13
N SER C 197 -20.57 8.95 13.27
CA SER C 197 -20.80 7.58 13.73
C SER C 197 -22.18 7.00 13.31
N PHE C 198 -22.24 5.67 13.18
CA PHE C 198 -23.50 4.96 12.94
C PHE C 198 -24.32 4.94 14.22
N ASN C 199 -25.59 5.34 14.13
CA ASN C 199 -26.47 5.35 15.29
C ASN C 199 -26.94 3.97 15.78
N VAL C 200 -26.99 3.82 17.09
CA VAL C 200 -27.61 2.62 17.69
C VAL C 200 -28.82 3.12 18.45
N GLU C 201 -29.81 2.27 18.64
CA GLU C 201 -31.04 2.69 19.27
C GLU C 201 -30.92 2.94 20.77
N LYS C 202 -29.88 2.40 21.41
CA LYS C 202 -29.68 2.53 22.87
C LYS C 202 -28.83 3.73 23.31
N ALA C 203 -29.47 4.66 24.03
CA ALA C 203 -28.80 5.90 24.43
C ALA C 203 -27.84 5.67 25.57
N GLN C 204 -26.80 6.48 25.60
CA GLN C 204 -25.88 6.54 26.71
C GLN C 204 -25.77 8.00 27.12
N LEU C 205 -25.55 8.26 28.41
CA LEU C 205 -25.33 9.61 28.90
C LEU C 205 -23.99 10.19 28.44
N CYS C 206 -24.05 11.40 27.88
CA CYS C 206 -22.84 12.11 27.44
C CYS C 206 -22.17 12.89 28.56
N LYS C 207 -20.87 12.66 28.74
CA LYS C 207 -20.15 13.28 29.86
C LYS C 207 -19.06 14.18 29.39
N CYS C 208 -19.25 14.79 28.22
CA CYS C 208 -18.24 15.55 27.56
C CYS C 208 -18.04 16.81 28.35
N GLY C 209 -19.11 17.30 28.98
CA GLY C 209 -18.99 18.40 29.88
C GLY C 209 -19.12 19.77 29.23
N PHE C 210 -19.53 19.79 27.97
CA PHE C 210 -19.85 21.05 27.28
C PHE C 210 -21.07 21.75 27.89
N GLU C 211 -21.06 23.10 27.86
CA GLU C 211 -22.26 23.94 28.20
C GLU C 211 -23.49 23.58 27.43
N LYS C 212 -23.32 23.31 26.15
CA LYS C 212 -24.48 22.97 25.32
C LYS C 212 -24.46 21.50 24.94
N CYS C 213 -24.02 20.67 25.90
CA CYS C 213 -23.97 19.22 25.74
C CYS C 213 -25.36 18.73 25.44
N ARG C 214 -25.50 17.83 24.47
CA ARG C 214 -26.80 17.26 24.13
C ARG C 214 -27.30 16.26 25.19
N GLY C 215 -26.46 15.95 26.18
CA GLY C 215 -26.80 15.01 27.25
C GLY C 215 -26.87 13.55 26.83
N ILE C 216 -26.95 13.29 25.54
CA ILE C 216 -27.10 11.95 25.03
C ILE C 216 -26.07 11.76 23.94
N ILE C 217 -25.57 10.54 23.83
CA ILE C 217 -24.72 10.18 22.69
C ILE C 217 -25.54 9.27 21.77
N TYR D 7 -22.12 14.21 1.88
CA TYR D 7 -22.31 14.63 0.45
C TYR D 7 -21.01 14.43 -0.31
N LYS D 8 -21.09 14.27 -1.63
CA LYS D 8 -19.90 14.10 -2.49
C LYS D 8 -19.34 15.43 -3.04
N LYS D 9 -18.08 15.66 -2.78
CA LYS D 9 -17.43 16.90 -3.11
C LYS D 9 -16.95 16.91 -4.55
N ILE D 10 -17.39 17.92 -5.31
CA ILE D 10 -17.04 18.11 -6.71
C ILE D 10 -16.31 19.44 -6.91
N ARG D 11 -15.61 19.59 -8.03
CA ARG D 11 -14.86 20.81 -8.30
C ARG D 11 -15.49 21.67 -9.41
N SER D 12 -16.44 21.08 -10.14
CA SER D 12 -17.24 21.83 -11.10
C SER D 12 -18.59 21.17 -11.35
N ASN D 13 -19.53 21.93 -11.88
CA ASN D 13 -20.87 21.42 -12.03
C ASN D 13 -20.92 20.13 -12.84
N VAL D 14 -21.85 19.28 -12.46
CA VAL D 14 -22.14 18.06 -13.21
C VAL D 14 -23.45 18.27 -13.96
N TYR D 15 -23.44 18.05 -15.27
CA TYR D 15 -24.64 18.25 -16.07
C TYR D 15 -25.33 16.93 -16.38
N VAL D 16 -26.50 16.72 -15.76
CA VAL D 16 -27.26 15.47 -15.94
C VAL D 16 -28.00 15.43 -17.30
N ASP D 17 -28.98 16.30 -17.48
CA ASP D 17 -29.74 16.36 -18.71
C ASP D 17 -29.85 17.77 -19.29
N VAL D 18 -29.11 18.72 -18.72
CA VAL D 18 -29.24 20.10 -19.15
C VAL D 18 -27.92 20.90 -18.99
N LYS D 19 -27.79 22.06 -19.65
CA LYS D 19 -26.63 22.96 -19.48
C LYS D 19 -27.01 24.41 -19.70
N PRO D 20 -26.51 25.31 -18.83
CA PRO D 20 -26.77 26.72 -19.02
C PRO D 20 -25.80 27.39 -20.01
N LEU D 21 -26.00 27.15 -21.31
CA LEU D 21 -25.14 27.76 -22.35
C LEU D 21 -25.32 29.30 -22.43
N SER D 22 -24.24 30.03 -22.63
CA SER D 22 -24.31 31.48 -22.64
C SER D 22 -24.03 32.04 -24.04
N GLY D 23 -23.68 31.17 -24.96
CA GLY D 23 -23.37 31.59 -26.31
C GLY D 23 -21.88 31.81 -26.52
N TYR D 24 -21.58 32.88 -27.22
CA TYR D 24 -20.22 33.31 -27.55
C TYR D 24 -19.35 33.62 -26.31
N GLU D 25 -18.20 32.93 -26.23
CA GLU D 25 -17.12 33.22 -25.28
C GLU D 25 -16.61 34.65 -25.42
N ALA D 26 -15.83 35.14 -24.45
CA ALA D 26 -15.48 36.56 -24.38
C ALA D 26 -14.67 37.03 -25.58
N THR D 27 -14.74 38.33 -25.86
CA THR D 27 -14.21 38.92 -27.10
C THR D 27 -12.76 39.40 -27.06
N THR D 28 -12.18 39.57 -25.87
CA THR D 28 -10.90 40.29 -25.72
C THR D 28 -11.09 41.61 -24.98
N CYS D 29 -10.11 42.03 -24.06
CA CYS D 29 -10.28 43.37 -23.44
C CYS D 29 -9.88 44.53 -24.34
N ASN D 30 -9.93 45.69 -23.72
CA ASN D 30 -9.17 46.85 -24.10
C ASN D 30 -8.23 47.15 -22.92
N CYS D 31 -8.18 46.20 -21.98
CA CYS D 31 -7.34 46.33 -20.80
C CYS D 31 -5.87 46.43 -21.19
N LYS D 32 -5.11 47.17 -20.39
CA LYS D 32 -3.70 47.36 -20.70
C LYS D 32 -2.88 46.60 -19.70
N LYS D 33 -2.04 45.70 -20.21
CA LYS D 33 -1.20 44.87 -19.34
C LYS D 33 -0.48 45.80 -18.37
N PRO D 34 -0.74 45.62 -17.06
CA PRO D 34 -0.10 46.51 -16.10
C PRO D 34 1.41 46.31 -16.09
N ASP D 35 2.11 47.40 -15.84
CA ASP D 35 3.57 47.40 -15.80
C ASP D 35 4.11 46.53 -14.67
N ASP D 36 3.78 46.94 -13.41
CA ASP D 36 4.12 46.14 -12.25
C ASP D 36 3.49 44.75 -12.38
N ASP D 37 4.30 43.70 -12.18
CA ASP D 37 3.85 42.32 -12.39
C ASP D 37 2.87 41.85 -11.28
N THR D 38 3.04 42.39 -10.07
CA THR D 38 2.12 42.11 -8.96
C THR D 38 0.76 42.87 -9.06
N ARG D 39 0.78 43.99 -9.79
CA ARG D 39 -0.40 44.87 -9.95
C ARG D 39 -1.52 44.21 -10.77
N LYS D 40 -2.74 44.67 -10.52
CA LYS D 40 -3.93 43.97 -10.99
C LYS D 40 -4.39 44.40 -12.38
N GLY D 41 -4.69 43.42 -13.23
CA GLY D 41 -5.23 43.64 -14.57
C GLY D 41 -6.67 43.16 -14.71
N CYS D 42 -7.39 43.79 -15.63
CA CYS D 42 -8.83 43.58 -15.81
C CYS D 42 -9.57 43.68 -14.50
N VAL D 43 -9.49 44.84 -13.84
CA VAL D 43 -10.23 45.09 -12.61
C VAL D 43 -11.30 46.20 -12.73
N ASP D 44 -10.89 47.38 -13.19
CA ASP D 44 -11.74 48.56 -13.05
C ASP D 44 -12.72 48.71 -14.21
N ASP D 45 -12.16 48.95 -15.39
CA ASP D 45 -12.93 49.30 -16.55
C ASP D 45 -12.78 48.22 -17.61
N CYS D 46 -12.76 46.97 -17.17
CA CYS D 46 -12.60 45.86 -18.10
C CYS D 46 -13.92 45.53 -18.84
N LEU D 47 -13.86 45.66 -20.17
CA LEU D 47 -15.01 45.41 -21.07
C LEU D 47 -15.77 44.12 -20.77
N ASN D 48 -15.05 43.05 -20.43
CA ASN D 48 -15.65 41.76 -20.13
C ASN D 48 -16.28 41.70 -18.75
N ARG D 49 -15.51 42.12 -17.75
CA ARG D 49 -15.95 42.15 -16.36
C ARG D 49 -17.25 42.94 -16.16
N MET D 50 -17.37 44.04 -16.88
CA MET D 50 -18.50 44.95 -16.70
C MET D 50 -19.85 44.40 -17.15
N ILE D 51 -19.80 43.44 -18.07
CA ILE D 51 -20.96 42.67 -18.53
C ILE D 51 -20.92 41.21 -18.06
N PHE D 52 -20.21 40.95 -16.96
CA PHE D 52 -20.31 39.67 -16.23
C PHE D 52 -19.89 38.48 -17.09
N ALA D 53 -18.92 38.72 -17.96
CA ALA D 53 -18.19 37.64 -18.68
C ALA D 53 -16.74 37.54 -18.20
N GLU D 54 -16.33 36.35 -17.78
CA GLU D 54 -14.90 36.14 -17.57
C GLU D 54 -14.13 36.20 -18.89
N CYS D 55 -12.88 36.62 -18.84
CA CYS D 55 -11.98 36.65 -19.99
C CYS D 55 -11.52 35.23 -20.32
N SER D 56 -11.09 35.03 -21.56
CA SER D 56 -10.38 33.81 -21.99
C SER D 56 -8.89 33.98 -21.80
N PRO D 57 -8.25 32.99 -21.14
CA PRO D 57 -6.81 32.95 -20.90
C PRO D 57 -5.99 33.03 -22.19
N ASN D 58 -6.65 32.79 -23.34
CA ASN D 58 -5.99 32.85 -24.64
C ASN D 58 -5.81 34.25 -25.19
N THR D 59 -6.78 35.12 -24.95
CA THR D 59 -6.88 36.36 -25.70
C THR D 59 -6.61 37.59 -24.85
N CYS D 60 -6.78 37.45 -23.55
CA CYS D 60 -6.64 38.57 -22.65
C CYS D 60 -5.25 39.24 -22.66
N PRO D 61 -5.25 40.57 -22.90
CA PRO D 61 -4.04 41.41 -22.89
C PRO D 61 -3.24 41.23 -21.61
N CYS D 62 -3.92 40.96 -20.51
CA CYS D 62 -3.27 41.02 -19.22
C CYS D 62 -2.52 39.76 -18.83
N GLY D 63 -2.63 38.72 -19.66
CA GLY D 63 -1.97 37.45 -19.39
C GLY D 63 -2.30 36.85 -18.03
N GLU D 64 -1.27 36.31 -17.37
CA GLU D 64 -1.46 35.74 -16.03
C GLU D 64 -1.56 36.82 -14.98
N GLN D 65 -1.81 38.04 -15.44
CA GLN D 65 -2.12 39.15 -14.57
C GLN D 65 -3.60 39.56 -14.73
N CYS D 66 -4.35 38.82 -15.54
CA CYS D 66 -5.80 38.99 -15.62
C CYS D 66 -6.44 38.51 -14.32
N CYS D 67 -7.10 39.43 -13.62
CA CYS D 67 -7.87 39.09 -12.44
C CYS D 67 -9.36 38.85 -12.76
N ASN D 68 -9.71 38.69 -14.04
CA ASN D 68 -11.10 38.47 -14.45
C ASN D 68 -11.40 37.02 -14.86
N GLN D 69 -10.79 36.09 -14.13
CA GLN D 69 -10.91 34.67 -14.47
C GLN D 69 -10.97 33.87 -13.20
N ARG D 70 -11.65 34.47 -12.22
CA ARG D 70 -11.76 33.94 -10.89
C ARG D 70 -12.48 32.62 -10.82
N ILE D 71 -13.60 32.48 -11.52
CA ILE D 71 -14.31 31.21 -11.48
C ILE D 71 -13.54 30.14 -12.30
N GLN D 72 -13.10 30.49 -13.50
CA GLN D 72 -12.28 29.57 -14.35
C GLN D 72 -11.20 28.84 -13.55
N ARG D 73 -10.51 29.56 -12.65
CA ARG D 73 -9.28 29.10 -11.97
C ARG D 73 -9.51 28.69 -10.52
N HIS D 74 -10.76 28.69 -10.08
CA HIS D 74 -11.10 28.22 -8.76
C HIS D 74 -10.37 29.06 -7.69
N GLU D 75 -10.36 30.37 -7.86
CA GLU D 75 -9.75 31.23 -6.89
C GLU D 75 -10.66 31.42 -5.68
N TRP D 76 -11.24 30.33 -5.20
CA TRP D 76 -11.98 30.39 -3.98
C TRP D 76 -11.11 30.93 -2.85
N VAL D 77 -11.75 31.67 -1.96
CA VAL D 77 -11.12 32.08 -0.72
C VAL D 77 -10.74 30.85 0.12
N GLN D 78 -9.63 30.94 0.85
CA GLN D 78 -9.04 29.81 1.57
C GLN D 78 -9.29 29.82 3.07
N CYS D 79 -10.06 30.78 3.55
CA CYS D 79 -10.18 30.97 4.99
C CYS D 79 -11.58 30.64 5.49
N LEU D 80 -12.29 29.79 4.77
CA LEU D 80 -13.63 29.41 5.14
C LEU D 80 -13.66 28.24 6.10
N GLU D 81 -14.71 28.18 6.91
CA GLU D 81 -14.80 27.15 7.92
C GLU D 81 -16.24 26.90 8.27
N ARG D 82 -16.64 25.65 8.16
CA ARG D 82 -17.95 25.23 8.63
C ARG D 82 -17.98 25.30 10.14
N PHE D 83 -19.08 25.80 10.69
CA PHE D 83 -19.21 25.90 12.14
C PHE D 83 -20.66 25.72 12.57
N ARG D 84 -20.87 25.42 13.86
CA ARG D 84 -22.22 25.28 14.44
C ARG D 84 -22.84 26.64 14.64
N ALA D 85 -23.81 26.98 13.80
CA ALA D 85 -24.49 28.26 13.95
C ALA D 85 -25.77 28.06 14.74
N GLU D 86 -25.96 28.89 15.75
CA GLU D 86 -27.08 28.67 16.66
C GLU D 86 -28.44 28.66 15.96
N GLU D 87 -29.24 27.62 16.22
CA GLU D 87 -30.61 27.52 15.70
C GLU D 87 -30.73 27.33 14.18
N LYS D 88 -29.61 27.32 13.47
CA LYS D 88 -29.68 27.06 12.05
C LYS D 88 -28.69 25.98 11.56
N GLY D 89 -28.40 25.00 12.43
CA GLY D 89 -27.58 23.87 12.05
C GLY D 89 -26.18 24.33 11.74
N TRP D 90 -25.63 23.86 10.63
CA TRP D 90 -24.30 24.25 10.17
C TRP D 90 -24.36 25.57 9.41
N GLY D 91 -23.29 26.34 9.50
CA GLY D 91 -23.13 27.54 8.70
C GLY D 91 -21.69 27.63 8.23
N ILE D 92 -21.38 28.71 7.53
CA ILE D 92 -20.01 28.96 7.12
C ILE D 92 -19.54 30.35 7.45
N ARG D 93 -18.37 30.42 8.08
CA ARG D 93 -17.79 31.67 8.42
C ARG D 93 -16.41 31.83 7.78
N THR D 94 -15.95 33.08 7.72
CA THR D 94 -14.61 33.37 7.25
C THR D 94 -13.68 33.53 8.45
N LYS D 95 -12.44 33.08 8.36
CA LYS D 95 -11.47 33.28 9.44
C LYS D 95 -10.58 34.51 9.16
N GLU D 96 -10.76 35.11 7.99
CA GLU D 96 -10.07 36.32 7.61
C GLU D 96 -11.09 37.39 7.17
N PRO D 97 -10.77 38.68 7.40
CA PRO D 97 -11.77 39.66 6.99
C PRO D 97 -11.92 39.61 5.48
N LEU D 98 -13.09 39.97 4.96
CA LEU D 98 -13.29 40.02 3.51
C LEU D 98 -13.62 41.44 3.10
N LYS D 99 -13.33 41.80 1.85
CA LYS D 99 -13.72 43.11 1.26
C LYS D 99 -14.89 43.05 0.31
N ALA D 100 -15.63 44.15 0.28
CA ALA D 100 -16.74 44.36 -0.66
C ALA D 100 -16.40 43.88 -2.07
N GLY D 101 -17.22 42.99 -2.63
CA GLY D 101 -17.04 42.52 -4.01
C GLY D 101 -15.99 41.46 -4.27
N GLN D 102 -15.43 40.88 -3.22
CA GLN D 102 -14.44 39.81 -3.31
C GLN D 102 -15.12 38.52 -3.70
N PHE D 103 -14.54 37.80 -4.67
CA PHE D 103 -15.02 36.45 -4.99
C PHE D 103 -14.75 35.54 -3.78
N ILE D 104 -15.69 34.68 -3.44
CA ILE D 104 -15.53 33.80 -2.28
C ILE D 104 -15.48 32.32 -2.68
N ILE D 105 -16.44 31.88 -3.48
CA ILE D 105 -16.54 30.49 -3.88
C ILE D 105 -17.66 30.36 -4.90
N GLU D 106 -17.52 29.38 -5.78
CA GLU D 106 -18.54 29.00 -6.73
C GLU D 106 -19.59 28.09 -6.06
N TYR D 107 -20.83 28.20 -6.52
CA TYR D 107 -21.91 27.37 -6.06
C TYR D 107 -22.04 26.15 -6.98
N LEU D 108 -21.84 24.98 -6.41
CA LEU D 108 -21.66 23.79 -7.25
C LEU D 108 -22.74 22.78 -6.98
N GLY D 109 -23.11 22.02 -8.00
CA GLY D 109 -24.04 20.90 -7.81
C GLY D 109 -24.33 20.17 -9.10
N GLU D 110 -25.30 19.28 -9.03
CA GLU D 110 -25.88 18.64 -10.21
C GLU D 110 -26.80 19.68 -10.85
N VAL D 111 -26.49 20.07 -12.08
CA VAL D 111 -27.41 20.94 -12.83
C VAL D 111 -28.48 20.08 -13.49
N VAL D 112 -29.72 20.30 -13.07
CA VAL D 112 -30.82 19.43 -13.49
C VAL D 112 -32.04 20.25 -13.92
N SER D 113 -32.75 19.74 -14.93
CA SER D 113 -33.99 20.35 -15.42
C SER D 113 -34.98 20.51 -14.29
N GLU D 114 -35.87 21.48 -14.42
CA GLU D 114 -36.91 21.66 -13.42
C GLU D 114 -37.99 20.62 -13.61
N GLN D 115 -37.60 19.46 -14.15
CA GLN D 115 -38.49 18.31 -14.27
C GLN D 115 -37.98 17.14 -13.46
N GLU D 116 -36.73 16.74 -13.72
CA GLU D 116 -36.12 15.65 -12.96
C GLU D 116 -35.84 16.03 -11.50
N PHE D 117 -35.78 17.33 -11.23
CA PHE D 117 -35.58 17.78 -9.87
C PHE D 117 -36.77 17.33 -9.03
N ARG D 118 -37.95 17.74 -9.47
CA ARG D 118 -39.18 17.34 -8.81
C ARG D 118 -39.32 15.82 -8.81
N ASN D 119 -38.64 15.12 -9.72
CA ASN D 119 -38.61 13.66 -9.66
C ASN D 119 -37.71 13.13 -8.54
N ARG D 120 -36.68 13.90 -8.20
CA ARG D 120 -35.76 13.52 -7.13
C ARG D 120 -36.37 13.84 -5.78
N MET D 121 -37.10 14.96 -5.72
CA MET D 121 -37.76 15.40 -4.50
C MET D 121 -38.77 14.40 -3.98
N ILE D 122 -39.51 13.77 -4.91
CA ILE D 122 -40.59 12.88 -4.51
C ILE D 122 -40.04 11.46 -4.24
N GLU D 123 -38.91 11.12 -4.88
CA GLU D 123 -38.34 9.76 -4.81
C GLU D 123 -37.14 9.62 -3.87
N GLN D 124 -36.46 10.73 -3.61
CA GLN D 124 -35.27 10.70 -2.77
C GLN D 124 -35.25 11.74 -1.65
N TYR D 125 -35.66 12.97 -1.97
CA TYR D 125 -35.62 14.08 -1.01
C TYR D 125 -36.93 14.18 -0.23
N HIS D 126 -37.81 13.20 -0.43
CA HIS D 126 -39.20 13.19 0.13
C HIS D 126 -39.47 14.22 1.24
N ASN D 127 -39.05 13.91 2.48
CA ASN D 127 -39.39 14.71 3.66
C ASN D 127 -38.23 15.53 4.27
N HIS D 128 -37.07 15.55 3.59
CA HIS D 128 -35.97 16.46 3.91
C HIS D 128 -36.49 17.91 3.89
N SER D 129 -36.33 18.62 5.00
CA SER D 129 -36.76 20.04 5.07
C SER D 129 -35.78 21.03 4.39
N ASP D 130 -34.48 20.89 4.67
CA ASP D 130 -33.43 21.78 4.14
C ASP D 130 -33.49 21.98 2.62
N HIS D 131 -33.20 23.19 2.16
CA HIS D 131 -33.06 23.44 0.74
C HIS D 131 -31.59 23.42 0.36
N TYR D 132 -31.26 22.64 -0.67
CA TYR D 132 -29.89 22.62 -1.18
C TYR D 132 -29.89 22.85 -2.70
N CYS D 133 -30.54 23.95 -3.11
CA CYS D 133 -30.73 24.27 -4.53
C CYS D 133 -30.63 25.75 -4.83
N LEU D 134 -30.33 26.04 -6.10
CA LEU D 134 -30.43 27.38 -6.62
C LEU D 134 -31.24 27.41 -7.88
N ASN D 135 -32.07 28.45 -7.99
CA ASN D 135 -32.84 28.75 -9.18
C ASN D 135 -31.91 29.28 -10.26
N LEU D 136 -31.83 28.55 -11.37
CA LEU D 136 -31.02 28.99 -12.49
C LEU D 136 -31.93 29.79 -13.42
N ASP D 137 -33.25 29.54 -13.28
CA ASP D 137 -34.32 30.34 -13.87
C ASP D 137 -34.47 30.25 -15.38
N SER D 138 -33.85 29.25 -15.99
CA SER D 138 -34.12 28.94 -17.39
C SER D 138 -34.64 27.53 -17.42
N GLY D 139 -35.62 27.26 -16.57
CA GLY D 139 -36.17 25.93 -16.43
C GLY D 139 -35.15 24.91 -15.94
N MET D 140 -34.09 25.38 -15.29
CA MET D 140 -33.12 24.46 -14.68
C MET D 140 -32.69 24.87 -13.26
N VAL D 141 -32.09 23.92 -12.56
CA VAL D 141 -31.74 24.08 -11.17
C VAL D 141 -30.32 23.59 -10.91
N ILE D 142 -29.63 24.25 -9.98
CA ILE D 142 -28.42 23.67 -9.40
C ILE D 142 -28.73 22.95 -8.09
N ASP D 143 -28.79 21.62 -8.16
CA ASP D 143 -29.09 20.81 -7.00
C ASP D 143 -27.81 20.39 -6.24
N SER D 144 -27.67 20.83 -5.00
CA SER D 144 -26.49 20.50 -4.18
C SER D 144 -26.77 19.54 -3.00
N TYR D 145 -27.85 18.77 -3.10
CA TYR D 145 -28.18 17.82 -2.04
C TYR D 145 -27.08 16.78 -1.85
N ARG D 146 -26.66 16.20 -2.97
CA ARG D 146 -25.84 15.00 -2.95
C ARG D 146 -24.43 15.29 -3.38
N MET D 147 -24.27 16.29 -4.24
CA MET D 147 -22.96 16.68 -4.71
C MET D 147 -22.86 18.17 -4.69
N GLY D 148 -21.68 18.67 -4.33
CA GLY D 148 -21.42 20.11 -4.29
C GLY D 148 -20.21 20.59 -3.50
N ASN D 149 -20.43 21.66 -2.73
CA ASN D 149 -19.37 22.52 -2.18
C ASN D 149 -19.68 22.96 -0.82
N GLU D 150 -18.76 23.69 -0.20
CA GLU D 150 -19.03 24.26 1.09
C GLU D 150 -20.05 25.37 0.94
N ALA D 151 -20.27 25.85 -0.29
CA ALA D 151 -21.32 26.83 -0.53
C ALA D 151 -22.67 26.35 -0.05
N ARG D 152 -22.89 25.04 -0.11
CA ARG D 152 -24.19 24.46 0.28
C ARG D 152 -24.53 24.63 1.77
N PHE D 153 -23.56 25.03 2.58
CA PHE D 153 -23.77 25.19 4.01
C PHE D 153 -23.97 26.70 4.36
N ILE D 154 -24.18 27.55 3.37
CA ILE D 154 -24.24 28.95 3.67
C ILE D 154 -25.66 29.34 3.94
N ASN D 155 -25.90 29.94 5.10
CA ASN D 155 -27.28 30.19 5.52
C ASN D 155 -27.90 31.45 4.92
N HIS D 156 -29.20 31.60 5.13
CA HIS D 156 -29.96 32.75 4.69
C HIS D 156 -29.81 33.84 5.72
N SER D 157 -29.83 35.07 5.21
CA SER D 157 -30.07 36.25 6.01
C SER D 157 -30.92 37.25 5.27
N CYS D 158 -31.78 37.90 6.04
CA CYS D 158 -32.67 38.92 5.53
C CYS D 158 -31.89 40.19 5.25
N ASP D 159 -30.70 40.28 5.82
CA ASP D 159 -29.80 41.39 5.56
C ASP D 159 -28.43 40.80 5.26
N PRO D 160 -28.29 40.24 4.05
CA PRO D 160 -27.16 39.40 3.70
C PRO D 160 -25.78 40.14 3.66
N ASN D 161 -24.69 39.37 3.73
CA ASN D 161 -23.37 39.93 3.55
C ASN D 161 -22.75 39.48 2.22
N CYS D 162 -23.39 38.53 1.56
CA CYS D 162 -22.91 38.06 0.25
C CYS D 162 -24.08 37.97 -0.72
N GLU D 163 -23.77 37.79 -2.01
CA GLU D 163 -24.77 37.68 -3.06
C GLU D 163 -24.30 36.74 -4.18
N MET D 164 -25.25 36.08 -4.83
CA MET D 164 -24.91 35.30 -6.00
C MET D 164 -24.86 36.20 -7.20
N GLN D 165 -23.92 35.93 -8.10
CA GLN D 165 -23.85 36.63 -9.39
C GLN D 165 -23.65 35.61 -10.52
N LYS D 166 -24.33 35.83 -11.63
CA LYS D 166 -24.30 34.91 -12.72
C LYS D 166 -23.27 35.42 -13.69
N TRP D 167 -22.31 34.57 -14.07
CA TRP D 167 -21.24 34.92 -14.99
C TRP D 167 -21.20 33.94 -16.14
N SER D 168 -20.90 34.44 -17.33
CA SER D 168 -20.60 33.53 -18.44
C SER D 168 -19.08 33.34 -18.47
N VAL D 169 -18.68 32.07 -18.59
CA VAL D 169 -17.31 31.58 -18.37
C VAL D 169 -17.05 30.54 -19.46
N ASN D 170 -16.42 31.00 -20.54
CA ASN D 170 -16.14 30.16 -21.71
C ASN D 170 -17.37 29.43 -22.25
N GLY D 171 -18.49 30.16 -22.42
CA GLY D 171 -19.68 29.62 -23.08
C GLY D 171 -20.71 28.97 -22.17
N VAL D 172 -20.35 28.78 -20.90
CA VAL D 172 -21.28 28.25 -19.89
C VAL D 172 -21.53 29.22 -18.68
N TYR D 173 -22.79 29.40 -18.29
CA TYR D 173 -23.10 30.18 -17.10
C TYR D 173 -22.73 29.40 -15.84
N ARG D 174 -21.99 30.06 -14.96
CA ARG D 174 -21.63 29.53 -13.67
C ARG D 174 -21.93 30.58 -12.57
N ILE D 175 -22.26 30.10 -11.39
CA ILE D 175 -22.67 30.98 -10.32
C ILE D 175 -21.62 31.15 -9.23
N GLY D 176 -21.25 32.39 -8.96
CA GLY D 176 -20.31 32.65 -7.88
C GLY D 176 -21.03 33.29 -6.69
N LEU D 177 -20.51 33.06 -5.50
CA LEU D 177 -20.89 33.85 -4.35
C LEU D 177 -19.89 35.01 -4.16
N TYR D 178 -20.40 36.24 -3.93
CA TYR D 178 -19.54 37.42 -3.73
C TYR D 178 -19.95 38.21 -2.50
N ALA D 179 -18.96 38.81 -1.85
CA ALA D 179 -19.20 39.70 -0.74
C ALA D 179 -19.88 41.01 -1.21
N LEU D 180 -20.89 41.40 -0.44
CA LEU D 180 -21.60 42.63 -0.65
C LEU D 180 -20.93 43.74 0.12
N LYS D 181 -20.16 43.40 1.16
CA LYS D 181 -19.58 44.41 2.04
C LYS D 181 -18.34 43.86 2.76
N ASP D 182 -17.53 44.79 3.27
CA ASP D 182 -16.36 44.46 4.09
C ASP D 182 -16.84 43.80 5.37
N MET D 183 -16.20 42.72 5.80
CA MET D 183 -16.66 41.96 6.95
C MET D 183 -15.42 41.60 7.73
N PRO D 184 -15.52 41.55 9.07
CA PRO D 184 -14.39 41.13 9.92
C PRO D 184 -14.25 39.63 10.03
N ALA D 185 -13.08 39.24 10.50
CA ALA D 185 -12.79 37.85 10.75
C ALA D 185 -13.87 37.28 11.69
N GLY D 186 -14.33 36.05 11.40
CA GLY D 186 -15.38 35.41 12.20
C GLY D 186 -16.83 35.70 11.84
N THR D 187 -17.04 36.46 10.75
CA THR D 187 -18.39 36.75 10.27
C THR D 187 -19.01 35.50 9.60
N GLU D 188 -20.25 35.15 9.95
CA GLU D 188 -20.98 34.07 9.24
C GLU D 188 -21.46 34.55 7.86
N LEU D 189 -21.11 33.82 6.81
CA LEU D 189 -21.50 34.24 5.45
C LEU D 189 -22.95 33.90 5.20
N THR D 190 -23.65 34.79 4.53
CA THR D 190 -25.06 34.58 4.29
C THR D 190 -25.45 35.20 2.97
N TYR D 191 -26.46 34.62 2.32
CA TYR D 191 -27.06 35.32 1.21
C TYR D 191 -28.58 35.26 1.33
N ASP D 192 -29.27 36.10 0.58
CA ASP D 192 -30.74 36.20 0.66
C ASP D 192 -31.38 35.19 -0.29
N TYR D 193 -32.00 34.15 0.27
CA TYR D 193 -32.52 33.02 -0.51
C TYR D 193 -33.74 33.42 -1.33
N ASN D 194 -34.44 34.48 -0.89
CA ASN D 194 -35.68 34.89 -1.58
C ASN D 194 -35.42 35.35 -3.02
N PHE D 195 -34.23 35.84 -3.30
CA PHE D 195 -33.86 36.27 -4.65
C PHE D 195 -33.70 35.08 -5.60
N HIS D 196 -33.42 33.92 -5.02
CA HIS D 196 -33.26 32.70 -5.78
C HIS D 196 -34.20 31.64 -5.20
N SER D 197 -35.22 32.14 -4.48
CA SER D 197 -36.18 31.28 -3.80
C SER D 197 -36.89 30.44 -4.81
N PHE D 198 -36.43 29.18 -4.81
CA PHE D 198 -36.97 28.14 -5.58
C PHE D 198 -37.80 27.48 -4.50
N ASN D 199 -39.07 27.89 -4.45
CA ASN D 199 -39.78 27.79 -3.20
C ASN D 199 -39.70 26.46 -2.49
N VAL D 200 -40.09 26.52 -1.24
CA VAL D 200 -40.26 25.37 -0.40
C VAL D 200 -41.69 25.60 0.08
N GLU D 201 -42.59 24.71 -0.36
CA GLU D 201 -44.02 24.82 -0.04
C GLU D 201 -44.28 25.22 1.41
N LYS D 202 -43.33 24.87 2.27
CA LYS D 202 -43.41 25.17 3.69
C LYS D 202 -42.59 26.40 4.03
N ALA D 203 -42.84 26.93 5.21
CA ALA D 203 -42.09 28.06 5.69
C ALA D 203 -41.28 27.60 6.88
N GLN D 204 -40.11 28.17 7.04
CA GLN D 204 -39.33 27.96 8.23
C GLN D 204 -39.12 29.31 8.89
N LEU D 205 -39.06 29.31 10.21
CA LEU D 205 -38.79 30.55 10.92
C LEU D 205 -37.38 31.03 10.57
N CYS D 206 -37.26 32.28 10.17
CA CYS D 206 -35.92 32.84 9.94
C CYS D 206 -35.27 33.26 11.23
N LYS D 207 -34.04 32.81 11.42
CA LYS D 207 -33.31 33.08 12.65
C LYS D 207 -32.13 34.02 12.47
N CYS D 208 -32.20 34.89 11.45
CA CYS D 208 -31.08 35.75 11.03
C CYS D 208 -30.76 36.84 12.04
N GLY D 209 -31.75 37.19 12.84
CA GLY D 209 -31.56 38.12 13.96
C GLY D 209 -31.54 39.59 13.58
N PHE D 210 -31.79 39.89 12.31
CA PHE D 210 -31.75 41.29 11.93
C PHE D 210 -33.06 42.01 12.15
N GLU D 211 -32.94 43.32 12.42
CA GLU D 211 -34.10 44.18 12.61
C GLU D 211 -35.13 44.10 11.51
N LYS D 212 -34.67 43.86 10.29
CA LYS D 212 -35.54 43.86 9.12
C LYS D 212 -35.91 42.45 8.72
N CYS D 213 -35.61 41.50 9.61
CA CYS D 213 -35.98 40.11 9.38
C CYS D 213 -37.45 40.02 9.00
N ARG D 214 -37.72 39.21 7.98
CA ARG D 214 -39.08 39.01 7.50
C ARG D 214 -39.79 37.92 8.28
N GLY D 215 -39.11 37.30 9.23
CA GLY D 215 -39.67 36.26 10.09
C GLY D 215 -39.71 34.88 9.45
N ILE D 216 -39.65 34.86 8.13
CA ILE D 216 -39.89 33.63 7.39
C ILE D 216 -38.86 33.51 6.28
N ILE D 217 -38.48 32.28 5.91
CA ILE D 217 -37.62 31.99 4.75
C ILE D 217 -38.48 31.35 3.65
ZN ZN E . 0.81 -18.27 4.26
ZN ZN F . 1.10 -19.53 7.74
ZN ZN G . 32.64 -36.94 -3.21
N SAM H . 31.46 -39.08 9.94
CA SAM H . 31.46 -38.12 11.08
C SAM H . 31.68 -38.82 12.42
O SAM H . 31.50 -38.20 13.48
OXT SAM H . 32.04 -40.03 12.47
CB SAM H . 30.14 -37.31 11.11
CG SAM H . 30.09 -36.14 10.14
SD SAM H . 31.17 -34.79 10.65
CE SAM H . 30.10 -33.38 10.29
C5' SAM H . 32.24 -34.59 9.20
C4' SAM H . 33.41 -35.56 9.14
O4' SAM H . 32.99 -36.83 8.71
C3' SAM H . 34.49 -35.11 8.15
O3' SAM H . 35.46 -34.30 8.77
C2' SAM H . 35.06 -36.43 7.69
O2' SAM H . 35.98 -36.96 8.61
C1' SAM H . 33.87 -37.37 7.74
N9 SAM H . 33.20 -37.31 6.44
C8 SAM H . 32.03 -36.66 6.14
N7 SAM H . 31.75 -36.90 4.84
C5 SAM H . 32.71 -37.70 4.31
C6 SAM H . 32.91 -38.21 3.06
N6 SAM H . 32.02 -37.98 2.07
N1 SAM H . 34.01 -38.99 2.84
C2 SAM H . 34.92 -39.28 3.83
N3 SAM H . 34.73 -38.74 5.08
C4 SAM H . 33.63 -37.98 5.32
ZN ZN I . -8.56 -6.53 -19.63
ZN ZN J . -7.85 -6.74 -15.92
ZN ZN K . 26.15 -19.76 -26.06
N SAM L . 25.25 -20.33 -12.45
CA SAM L . 25.25 -19.14 -11.56
C SAM L . 25.48 -19.49 -10.08
O SAM L . 25.22 -18.69 -9.20
OXT SAM L . 25.93 -20.57 -9.71
CB SAM L . 23.90 -18.46 -11.68
CG SAM L . 23.75 -17.52 -12.87
SD SAM L . 24.58 -15.97 -12.46
CE SAM L . 23.35 -14.70 -12.78
C5' SAM L . 25.52 -15.86 -14.02
C4' SAM L . 26.88 -16.55 -14.05
O4' SAM L . 26.77 -17.95 -14.23
C3' SAM L . 27.78 -16.07 -15.18
O3' SAM L . 28.60 -15.01 -14.73
C2' SAM L . 28.63 -17.30 -15.42
O2' SAM L . 29.67 -17.31 -14.47
C1' SAM L . 27.70 -18.47 -15.14
N9 SAM L . 27.02 -18.78 -16.40
C8 SAM L . 25.75 -18.39 -16.74
N7 SAM L . 25.49 -18.87 -17.98
C5 SAM L . 26.56 -19.53 -18.44
C6 SAM L . 26.81 -20.18 -19.66
N6 SAM L . 25.88 -20.23 -20.59
N1 SAM L . 28.05 -20.78 -19.87
C2 SAM L . 29.01 -20.73 -18.88
N3 SAM L . 28.75 -20.08 -17.69
C4 SAM L . 27.55 -19.48 -17.46
ZN ZN M . -1.93 19.93 -6.25
ZN ZN N . -0.02 16.84 -5.28
ZN ZN O . -21.92 16.11 25.41
N SAM P . -14.24 4.95 25.94
CA SAM P . -14.36 3.84 24.97
C SAM P . -13.70 2.64 25.58
O SAM P . -13.50 1.67 24.87
OXT SAM P . -13.38 2.62 26.76
CB SAM P . -13.72 4.16 23.61
CG SAM P . -14.61 4.92 22.61
SD SAM P . -15.92 3.87 21.91
CE SAM P . -15.97 4.42 20.19
C5' SAM P . -17.45 4.75 22.37
C4' SAM P . -17.99 4.34 23.73
O4' SAM P . -17.27 5.05 24.72
C3' SAM P . -19.48 4.69 23.96
O3' SAM P . -20.34 3.60 23.67
C2' SAM P . -19.52 5.10 25.43
O2' SAM P . -19.65 3.99 26.32
C1' SAM P . -18.14 5.70 25.63
N9 SAM P . -18.14 7.13 25.34
C8 SAM P . -17.67 7.78 24.22
N7 SAM P . -17.86 9.11 24.38
C5 SAM P . -18.51 9.31 25.56
C6 SAM P . -19.00 10.43 26.21
N6 SAM P . -18.87 11.66 25.71
N1 SAM P . -19.60 10.30 27.44
C2 SAM P . -19.76 9.08 28.03
N3 SAM P . -19.30 7.99 27.37
C4 SAM P . -18.68 8.09 26.18
ZN ZN Q . -9.99 43.25 -19.39
ZN ZN R . -8.69 39.90 -18.77
ZN ZN S . -34.41 36.91 8.70
N SAM T . -27.83 25.06 8.12
CA SAM T . -27.79 24.09 6.99
C SAM T . -27.20 22.79 7.48
O SAM T . -27.00 21.87 6.69
OXT SAM T . -26.87 22.63 8.65
CB SAM T . -26.95 24.59 5.82
CG SAM T . -27.64 25.58 4.89
SD SAM T . -28.89 24.70 3.97
CE SAM T . -28.52 25.17 2.26
C5' SAM T . -30.34 25.74 4.38
C4' SAM T . -31.11 25.22 5.58
O4' SAM T . -30.57 25.70 6.81
C3' SAM T . -32.53 25.75 5.49
O3' SAM T . -33.42 24.82 4.95
C2' SAM T . -32.90 26.00 6.93
O2' SAM T . -33.41 24.81 7.47
C1' SAM T . -31.57 26.32 7.59
N9 SAM T . -31.42 27.78 7.60
C8 SAM T . -30.66 28.56 6.75
N7 SAM T . -30.77 29.86 7.15
C5 SAM T . -31.61 29.92 8.20
C6 SAM T . -32.11 30.99 8.97
N6 SAM T . -31.73 32.22 8.71
N1 SAM T . -32.97 30.77 10.01
C2 SAM T . -33.34 29.46 10.28
N3 SAM T . -32.87 28.41 9.51
C4 SAM T . -32.02 28.64 8.49
#